data_7K3C
# 
_entry.id   7K3C 
# 
_audit_conform.dict_name       mmcif_pdbx.dic 
_audit_conform.dict_version    5.392 
_audit_conform.dict_location   http://mmcif.pdb.org/dictionaries/ascii/mmcif_pdbx.dic 
# 
loop_
_database_2.database_id 
_database_2.database_code 
_database_2.pdbx_database_accession 
_database_2.pdbx_DOI 
PDB   7K3C         pdb_00007k3c 10.2210/pdb7k3c/pdb 
WWPDB D_1000251806 ?            ?                   
# 
loop_
_pdbx_audit_revision_history.ordinal 
_pdbx_audit_revision_history.data_content_type 
_pdbx_audit_revision_history.major_revision 
_pdbx_audit_revision_history.minor_revision 
_pdbx_audit_revision_history.revision_date 
1 'Structure model' 1 0 2021-11-10 
2 'Structure model' 1 1 2022-06-01 
3 'Structure model' 1 2 2022-06-15 
4 'Structure model' 1 3 2022-07-06 
5 'Structure model' 1 4 2024-05-22 
# 
_pdbx_audit_revision_details.ordinal             1 
_pdbx_audit_revision_details.revision_ordinal    1 
_pdbx_audit_revision_details.data_content_type   'Structure model' 
_pdbx_audit_revision_details.provider            repository 
_pdbx_audit_revision_details.type                'Initial release' 
_pdbx_audit_revision_details.description         ? 
_pdbx_audit_revision_details.details             ? 
# 
loop_
_pdbx_audit_revision_group.ordinal 
_pdbx_audit_revision_group.revision_ordinal 
_pdbx_audit_revision_group.data_content_type 
_pdbx_audit_revision_group.group 
1 2 'Structure model' 'Database references' 
2 3 'Structure model' 'Database references' 
3 4 'Structure model' 'Database references' 
4 5 'Structure model' 'Data collection'     
# 
loop_
_pdbx_audit_revision_category.ordinal 
_pdbx_audit_revision_category.revision_ordinal 
_pdbx_audit_revision_category.data_content_type 
_pdbx_audit_revision_category.category 
1 2 'Structure model' citation        
2 2 'Structure model' citation_author 
3 3 'Structure model' citation        
4 3 'Structure model' citation_author 
5 4 'Structure model' citation        
6 5 'Structure model' chem_comp_atom  
7 5 'Structure model' chem_comp_bond  
# 
loop_
_pdbx_audit_revision_item.ordinal 
_pdbx_audit_revision_item.revision_ordinal 
_pdbx_audit_revision_item.data_content_type 
_pdbx_audit_revision_item.item 
1  2 'Structure model' '_citation.country'                 
2  2 'Structure model' '_citation.journal_abbrev'          
3  2 'Structure model' '_citation.journal_id_CSD'          
4  2 'Structure model' '_citation.journal_id_ISSN'         
5  2 'Structure model' '_citation.pdbx_database_id_DOI'    
6  2 'Structure model' '_citation.year'                    
7  3 'Structure model' '_citation.pdbx_database_id_PubMed' 
8  3 'Structure model' '_citation.title'                   
9  3 'Structure model' '_citation_author.identifier_ORCID' 
10 3 'Structure model' '_citation_author.name'             
11 4 'Structure model' '_citation.journal_volume'          
12 4 'Structure model' '_citation.page_first'              
13 4 'Structure model' '_citation.page_last'               
# 
_pdbx_database_status.status_code                     REL 
_pdbx_database_status.status_code_sf                  REL 
_pdbx_database_status.status_code_mr                  ? 
_pdbx_database_status.entry_id                        7K3C 
_pdbx_database_status.recvd_initial_deposition_date   2020-09-11 
_pdbx_database_status.SG_entry                        N 
_pdbx_database_status.deposit_site                    RCSB 
_pdbx_database_status.process_site                    RCSB 
_pdbx_database_status.status_code_cs                  ? 
_pdbx_database_status.status_code_nmr_data            ? 
_pdbx_database_status.methods_development_category    ? 
_pdbx_database_status.pdb_format_compatible           Y 
# 
loop_
_audit_author.name 
_audit_author.pdbx_ordinal 
_audit_author.identifier_ORCID 
'Murray, K.A.'    1 0000-0003-1969-7701 
'Sawaya, M.R.'    2 0000-0003-0874-9043 
'Eisenberg, D.S.' 3 0000-0003-2432-5419 
# 
_citation.abstract                  ? 
_citation.abstract_id_CAS           ? 
_citation.book_id_ISBN              ? 
_citation.book_publisher            ? 
_citation.book_publisher_city       ? 
_citation.book_title                ? 
_citation.coordinate_linkage        ? 
_citation.country                   US 
_citation.database_id_Medline       ? 
_citation.details                   ? 
_citation.id                        primary 
_citation.journal_abbrev            Nat.Struct.Mol.Biol. 
_citation.journal_id_ASTM           ? 
_citation.journal_id_CSD            ? 
_citation.journal_id_ISSN           1545-9985 
_citation.journal_full              ? 
_citation.journal_issue             ? 
_citation.journal_volume            29 
_citation.language                  ? 
_citation.page_first                529 
_citation.page_last                 536 
_citation.title                     
'Identifying amyloid-related diseases by mapping mutations in low-complexity protein domains to pathologies.' 
_citation.year                      2022 
_citation.database_id_CSD           ? 
_citation.pdbx_database_id_DOI      10.1038/s41594-022-00774-y 
_citation.pdbx_database_id_PubMed   35637421 
_citation.unpublished_flag          ? 
# 
loop_
_citation_author.citation_id 
_citation_author.name 
_citation_author.ordinal 
_citation_author.identifier_ORCID 
primary 'Murray, K.A.'    1 ? 
primary 'Hughes, M.P.'    2 ? 
primary 'Hu, C.J.'        3 ? 
primary 'Sawaya, M.R.'    4 ? 
primary 'Salwinski, L.'   5 ? 
primary 'Pan, H.'         6 ? 
primary 'French, S.W.'    7 ? 
primary 'Seidler, P.M.'   8 ? 
primary 'Eisenberg, D.S.' 9 ? 
# 
loop_
_entity.id 
_entity.type 
_entity.src_method 
_entity.pdbx_description 
_entity.formula_weight 
_entity.pdbx_number_of_molecules 
_entity.pdbx_ec 
_entity.pdbx_mutation 
_entity.pdbx_fragment 
_entity.details 
1 polymer     syn 'SGMGGIT segment 58-64 from the low complexity domain of Keratin-8' 621.706 2 ? ? SGMGGIT ? 
2 non-polymer syn ETHANOL                                                             46.068  2 ? ? ?       ? 
3 non-polymer syn 'TRIETHYLENE GLYCOL'                                                150.173 1 ? ? ?       ? 
4 water       nat water                                                               18.015  5 ? ? ?       ? 
# 
_entity_poly.entity_id                      1 
_entity_poly.type                           'polypeptide(L)' 
_entity_poly.nstd_linkage                   no 
_entity_poly.nstd_monomer                   no 
_entity_poly.pdbx_seq_one_letter_code       SGMGGIT 
_entity_poly.pdbx_seq_one_letter_code_can   SGMGGIT 
_entity_poly.pdbx_strand_id                 A,B 
_entity_poly.pdbx_target_identifier         ? 
# 
loop_
_pdbx_entity_nonpoly.entity_id 
_pdbx_entity_nonpoly.name 
_pdbx_entity_nonpoly.comp_id 
2 ETHANOL              EOH 
3 'TRIETHYLENE GLYCOL' PGE 
4 water                HOH 
# 
loop_
_entity_poly_seq.entity_id 
_entity_poly_seq.num 
_entity_poly_seq.mon_id 
_entity_poly_seq.hetero 
1 1 SER n 
1 2 GLY n 
1 3 MET n 
1 4 GLY n 
1 5 GLY n 
1 6 ILE n 
1 7 THR n 
# 
_pdbx_entity_src_syn.entity_id              1 
_pdbx_entity_src_syn.pdbx_src_id            1 
_pdbx_entity_src_syn.pdbx_alt_source_flag   sample 
_pdbx_entity_src_syn.pdbx_beg_seq_num       1 
_pdbx_entity_src_syn.pdbx_end_seq_num       7 
_pdbx_entity_src_syn.organism_scientific    'Homo sapiens' 
_pdbx_entity_src_syn.organism_common_name   ? 
_pdbx_entity_src_syn.ncbi_taxonomy_id       9606 
_pdbx_entity_src_syn.details                ? 
# 
loop_
_chem_comp.id 
_chem_comp.type 
_chem_comp.mon_nstd_flag 
_chem_comp.name 
_chem_comp.pdbx_synonyms 
_chem_comp.formula 
_chem_comp.formula_weight 
EOH non-polymer         . ETHANOL              ? 'C2 H6 O'       46.068  
GLY 'peptide linking'   y GLYCINE              ? 'C2 H5 N O2'    75.067  
HOH non-polymer         . WATER                ? 'H2 O'          18.015  
ILE 'L-peptide linking' y ISOLEUCINE           ? 'C6 H13 N O2'   131.173 
MET 'L-peptide linking' y METHIONINE           ? 'C5 H11 N O2 S' 149.211 
PGE non-polymer         . 'TRIETHYLENE GLYCOL' ? 'C6 H14 O4'     150.173 
SER 'L-peptide linking' y SERINE               ? 'C3 H7 N O3'    105.093 
THR 'L-peptide linking' y THREONINE            ? 'C4 H9 N O3'    119.119 
# 
loop_
_pdbx_poly_seq_scheme.asym_id 
_pdbx_poly_seq_scheme.entity_id 
_pdbx_poly_seq_scheme.seq_id 
_pdbx_poly_seq_scheme.mon_id 
_pdbx_poly_seq_scheme.ndb_seq_num 
_pdbx_poly_seq_scheme.pdb_seq_num 
_pdbx_poly_seq_scheme.auth_seq_num 
_pdbx_poly_seq_scheme.pdb_mon_id 
_pdbx_poly_seq_scheme.auth_mon_id 
_pdbx_poly_seq_scheme.pdb_strand_id 
_pdbx_poly_seq_scheme.pdb_ins_code 
_pdbx_poly_seq_scheme.hetero 
A 1 1 SER 1 58 58 SER SER A . n 
A 1 2 GLY 2 59 59 GLY GLY A . n 
A 1 3 MET 3 60 60 MET MET A . n 
A 1 4 GLY 4 61 61 GLY GLY A . n 
A 1 5 GLY 5 62 62 GLY GLY A . n 
A 1 6 ILE 6 63 63 ILE ILE A . n 
A 1 7 THR 7 64 64 THR THR A . n 
B 1 1 SER 1 58 58 SER SER B . n 
B 1 2 GLY 2 59 59 GLY GLY B . n 
B 1 3 MET 3 60 60 MET MET B . n 
B 1 4 GLY 4 61 61 GLY GLY B . n 
B 1 5 GLY 5 62 62 GLY GLY B . n 
B 1 6 ILE 6 63 63 ILE ILE B . n 
B 1 7 THR 7 64 64 THR THR B . n 
# 
loop_
_pdbx_nonpoly_scheme.asym_id 
_pdbx_nonpoly_scheme.entity_id 
_pdbx_nonpoly_scheme.mon_id 
_pdbx_nonpoly_scheme.ndb_seq_num 
_pdbx_nonpoly_scheme.pdb_seq_num 
_pdbx_nonpoly_scheme.auth_seq_num 
_pdbx_nonpoly_scheme.pdb_mon_id 
_pdbx_nonpoly_scheme.auth_mon_id 
_pdbx_nonpoly_scheme.pdb_strand_id 
_pdbx_nonpoly_scheme.pdb_ins_code 
C 2 EOH 1 101 11 EOH EOH A . 
D 2 EOH 1 101 12 EOH EOH B . 
E 3 PGE 1 102 13 PGE 15P B . 
F 4 HOH 1 201 2  HOH HOH A . 
F 4 HOH 2 202 4  HOH HOH A . 
F 4 HOH 3 203 1  HOH HOH A . 
G 4 HOH 1 201 5  HOH HOH B . 
G 4 HOH 2 202 3  HOH HOH B . 
# 
loop_
_software.citation_id 
_software.classification 
_software.compiler_name 
_software.compiler_version 
_software.contact_author 
_software.contact_author_email 
_software.date 
_software.description 
_software.dependencies 
_software.hardware 
_software.language 
_software.location 
_software.mods 
_software.name 
_software.os 
_software.os_version 
_software.type 
_software.version 
_software.pdbx_ordinal 
? 'data reduction'  ? ? ? ? ? ? ? ? ? ? ? XDS         ? ? ? .        1 
? 'data scaling'    ? ? ? ? ? ? ? ? ? ? ? XSCALE      ? ? ? .        2 
? refinement        ? ? ? ? ? ? ? ? ? ? ? REFMAC      ? ? ? 5.8.0266 3 
? 'data extraction' ? ? ? ? ? ? ? ? ? ? ? PDB_EXTRACT ? ? ? 3.25     4 
? phasing           ? ? ? ? ? ? ? ? ? ? ? SHELXD      ? ? ? .        5 
# 
_cell.angle_alpha                  90.000 
_cell.angle_alpha_esd              ? 
_cell.angle_beta                   109.096 
_cell.angle_beta_esd               ? 
_cell.angle_gamma                  90.000 
_cell.angle_gamma_esd              ? 
_cell.entry_id                     7K3C 
_cell.details                      ? 
_cell.formula_units_Z              ? 
_cell.length_a                     8.360 
_cell.length_a_esd                 ? 
_cell.length_b                     51.610 
_cell.length_b_esd                 ? 
_cell.length_c                     9.530 
_cell.length_c_esd                 ? 
_cell.volume                       ? 
_cell.volume_esd                   ? 
_cell.Z_PDB                        4 
_cell.reciprocal_angle_alpha       ? 
_cell.reciprocal_angle_beta        ? 
_cell.reciprocal_angle_gamma       ? 
_cell.reciprocal_angle_alpha_esd   ? 
_cell.reciprocal_angle_beta_esd    ? 
_cell.reciprocal_angle_gamma_esd   ? 
_cell.reciprocal_length_a          ? 
_cell.reciprocal_length_b          ? 
_cell.reciprocal_length_c          ? 
_cell.reciprocal_length_a_esd      ? 
_cell.reciprocal_length_b_esd      ? 
_cell.reciprocal_length_c_esd      ? 
_cell.pdbx_unique_axis             ? 
# 
_symmetry.entry_id                         7K3C 
_symmetry.cell_setting                     ? 
_symmetry.Int_Tables_number                4 
_symmetry.space_group_name_Hall            ? 
_symmetry.space_group_name_H-M             'P 1 21 1' 
_symmetry.pdbx_full_space_group_name_H-M   ? 
# 
_exptl.absorpt_coefficient_mu     ? 
_exptl.absorpt_correction_T_max   ? 
_exptl.absorpt_correction_T_min   ? 
_exptl.absorpt_correction_type    ? 
_exptl.absorpt_process_details    ? 
_exptl.entry_id                   7K3C 
_exptl.crystals_number            1 
_exptl.details                    ? 
_exptl.method                     'X-RAY DIFFRACTION' 
_exptl.method_details             ? 
# 
_exptl_crystal.colour                      ? 
_exptl_crystal.density_diffrn              ? 
_exptl_crystal.density_Matthews            1.56 
_exptl_crystal.density_method              ? 
_exptl_crystal.density_percent_sol         21.28 
_exptl_crystal.description                 ? 
_exptl_crystal.F_000                       ? 
_exptl_crystal.id                          1 
_exptl_crystal.preparation                 ? 
_exptl_crystal.size_max                    ? 
_exptl_crystal.size_mid                    ? 
_exptl_crystal.size_min                    ? 
_exptl_crystal.size_rad                    ? 
_exptl_crystal.colour_lustre               ? 
_exptl_crystal.colour_modifier             ? 
_exptl_crystal.colour_primary              ? 
_exptl_crystal.density_meas                ? 
_exptl_crystal.density_meas_esd            ? 
_exptl_crystal.density_meas_gt             ? 
_exptl_crystal.density_meas_lt             ? 
_exptl_crystal.density_meas_temp           ? 
_exptl_crystal.density_meas_temp_esd       ? 
_exptl_crystal.density_meas_temp_gt        ? 
_exptl_crystal.density_meas_temp_lt        ? 
_exptl_crystal.pdbx_crystal_image_url      ? 
_exptl_crystal.pdbx_crystal_image_format   ? 
_exptl_crystal.pdbx_mosaicity              ? 
_exptl_crystal.pdbx_mosaicity_esd          ? 
# 
_exptl_crystal_grow.apparatus       ? 
_exptl_crystal_grow.atmosphere      ? 
_exptl_crystal_grow.crystal_id      1 
_exptl_crystal_grow.details         ? 
_exptl_crystal_grow.method          'VAPOR DIFFUSION, HANGING DROP' 
_exptl_crystal_grow.method_ref      ? 
_exptl_crystal_grow.pH              4.2 
_exptl_crystal_grow.pressure        ? 
_exptl_crystal_grow.pressure_esd    ? 
_exptl_crystal_grow.seeding         ? 
_exptl_crystal_grow.seeding_ref     ? 
_exptl_crystal_grow.temp            298 
_exptl_crystal_grow.temp_details    ? 
_exptl_crystal_grow.temp_esd        ? 
_exptl_crystal_grow.time            ? 
_exptl_crystal_grow.pdbx_details    '0.1 M phoshate/citrate pH 4.2, 40% ethanol, 5% PEG 1000' 
_exptl_crystal_grow.pdbx_pH_range   ? 
# 
_diffrn.ambient_environment              ? 
_diffrn.ambient_temp                     100 
_diffrn.ambient_temp_details             ? 
_diffrn.ambient_temp_esd                 ? 
_diffrn.crystal_id                       1 
_diffrn.crystal_support                  ? 
_diffrn.crystal_treatment                ? 
_diffrn.details                          ? 
_diffrn.id                               1 
_diffrn.ambient_pressure                 ? 
_diffrn.ambient_pressure_esd             ? 
_diffrn.ambient_pressure_gt              ? 
_diffrn.ambient_pressure_lt              ? 
_diffrn.ambient_temp_gt                  ? 
_diffrn.ambient_temp_lt                  ? 
_diffrn.pdbx_serial_crystal_experiment   N 
# 
_diffrn_detector.details                      ? 
_diffrn_detector.detector                     PIXEL 
_diffrn_detector.diffrn_id                    1 
_diffrn_detector.type                         'DECTRIS EIGER X 16M' 
_diffrn_detector.area_resol_mean              ? 
_diffrn_detector.dtime                        ? 
_diffrn_detector.pdbx_frames_total            ? 
_diffrn_detector.pdbx_collection_time_total   ? 
_diffrn_detector.pdbx_collection_date         2018-08-09 
_diffrn_detector.pdbx_frequency               ? 
# 
_diffrn_radiation.collimation                      ? 
_diffrn_radiation.diffrn_id                        1 
_diffrn_radiation.filter_edge                      ? 
_diffrn_radiation.inhomogeneity                    ? 
_diffrn_radiation.monochromator                    ? 
_diffrn_radiation.polarisn_norm                    ? 
_diffrn_radiation.polarisn_ratio                   ? 
_diffrn_radiation.probe                            ? 
_diffrn_radiation.type                             ? 
_diffrn_radiation.xray_symbol                      ? 
_diffrn_radiation.wavelength_id                    1 
_diffrn_radiation.pdbx_monochromatic_or_laue_m_l   M 
_diffrn_radiation.pdbx_wavelength_list             ? 
_diffrn_radiation.pdbx_wavelength                  ? 
_diffrn_radiation.pdbx_diffrn_protocol             'SINGLE WAVELENGTH' 
_diffrn_radiation.pdbx_analyzer                    ? 
_diffrn_radiation.pdbx_scattering_type             x-ray 
# 
_diffrn_radiation_wavelength.id           1 
_diffrn_radiation_wavelength.wavelength   0.97918 
_diffrn_radiation_wavelength.wt           1.0 
# 
_diffrn_source.current                     ? 
_diffrn_source.details                     ? 
_diffrn_source.diffrn_id                   1 
_diffrn_source.power                       ? 
_diffrn_source.size                        ? 
_diffrn_source.source                      SYNCHROTRON 
_diffrn_source.target                      ? 
_diffrn_source.type                        'APS BEAMLINE 24-ID-E' 
_diffrn_source.voltage                     ? 
_diffrn_source.take-off_angle              ? 
_diffrn_source.pdbx_wavelength_list        0.97918 
_diffrn_source.pdbx_wavelength             ? 
_diffrn_source.pdbx_synchrotron_beamline   24-ID-E 
_diffrn_source.pdbx_synchrotron_site       APS 
# 
_reflns.B_iso_Wilson_estimate            10.188 
_reflns.entry_id                         7K3C 
_reflns.data_reduction_details           ? 
_reflns.data_reduction_method            ? 
_reflns.d_resolution_high                1.100 
_reflns.d_resolution_low                 25.81 
_reflns.details                          ? 
_reflns.limit_h_max                      ? 
_reflns.limit_h_min                      ? 
_reflns.limit_k_max                      ? 
_reflns.limit_k_min                      ? 
_reflns.limit_l_max                      ? 
_reflns.limit_l_min                      ? 
_reflns.number_all                       ? 
_reflns.number_obs                       2926 
_reflns.observed_criterion               ? 
_reflns.observed_criterion_F_max         ? 
_reflns.observed_criterion_F_min         ? 
_reflns.observed_criterion_I_max         ? 
_reflns.observed_criterion_I_min         ? 
_reflns.observed_criterion_sigma_F       ? 
_reflns.observed_criterion_sigma_I       ? 
_reflns.percent_possible_obs             93.300 
_reflns.R_free_details                   ? 
_reflns.Rmerge_F_all                     ? 
_reflns.Rmerge_F_obs                     ? 
_reflns.Friedel_coverage                 ? 
_reflns.number_gt                        ? 
_reflns.threshold_expression             ? 
_reflns.pdbx_redundancy                  2.636 
_reflns.pdbx_Rmerge_I_obs                0.182 
_reflns.pdbx_Rmerge_I_all                ? 
_reflns.pdbx_Rsym_value                  ? 
_reflns.pdbx_netI_over_av_sigmaI         ? 
_reflns.pdbx_netI_over_sigmaI            3.330 
_reflns.pdbx_res_netI_over_av_sigmaI_2   ? 
_reflns.pdbx_res_netI_over_sigmaI_2      ? 
_reflns.pdbx_chi_squared                 0.791 
_reflns.pdbx_scaling_rejects             ? 
_reflns.pdbx_d_res_high_opt              ? 
_reflns.pdbx_d_res_low_opt               ? 
_reflns.pdbx_d_res_opt_method            ? 
_reflns.phase_calculation_details        ? 
_reflns.pdbx_Rrim_I_all                  0.224 
_reflns.pdbx_Rpim_I_all                  ? 
_reflns.pdbx_d_opt                       ? 
_reflns.pdbx_number_measured_all         ? 
_reflns.pdbx_diffrn_id                   1 
_reflns.pdbx_ordinal                     1 
_reflns.pdbx_CC_half                     0.955 
_reflns.pdbx_CC_star                     ? 
_reflns.pdbx_R_split                     ? 
# 
loop_
_reflns_shell.d_res_high 
_reflns_shell.d_res_low 
_reflns_shell.meanI_over_sigI_all 
_reflns_shell.meanI_over_sigI_obs 
_reflns_shell.number_measured_all 
_reflns_shell.number_measured_obs 
_reflns_shell.number_possible 
_reflns_shell.number_unique_all 
_reflns_shell.number_unique_obs 
_reflns_shell.percent_possible_all 
_reflns_shell.percent_possible_obs 
_reflns_shell.Rmerge_F_all 
_reflns_shell.Rmerge_F_obs 
_reflns_shell.Rmerge_I_all 
_reflns_shell.Rmerge_I_obs 
_reflns_shell.meanI_over_sigI_gt 
_reflns_shell.meanI_over_uI_all 
_reflns_shell.meanI_over_uI_gt 
_reflns_shell.number_measured_gt 
_reflns_shell.number_unique_gt 
_reflns_shell.percent_possible_gt 
_reflns_shell.Rmerge_F_gt 
_reflns_shell.Rmerge_I_gt 
_reflns_shell.pdbx_redundancy 
_reflns_shell.pdbx_Rsym_value 
_reflns_shell.pdbx_chi_squared 
_reflns_shell.pdbx_netI_over_sigmaI_all 
_reflns_shell.pdbx_netI_over_sigmaI_obs 
_reflns_shell.pdbx_Rrim_I_all 
_reflns_shell.pdbx_Rpim_I_all 
_reflns_shell.pdbx_rejects 
_reflns_shell.pdbx_ordinal 
_reflns_shell.pdbx_diffrn_id 
_reflns_shell.pdbx_CC_half 
_reflns_shell.pdbx_CC_star 
_reflns_shell.pdbx_R_split 
1.100 1.130 ? 1.390 ? ? ? ? 148 62.700  ? ? ? ? 0.351 ? ? ? ? ? ? ? ? 2.007 ? ? ? ? 0.462 ? ? 1  1 0.946 ? ? 
1.130 1.160 ? 1.620 ? ? ? ? 164 72.600  ? ? ? ? 0.318 ? ? ? ? ? ? ? ? 2.098 ? ? ? ? 0.406 ? ? 2  1 0.932 ? ? 
1.160 1.190 ? 2.080 ? ? ? ? 228 93.100  ? ? ? ? 0.299 ? ? ? ? ? ? ? ? 2.408 ? ? ? ? 0.381 ? ? 3  1 0.927 ? ? 
1.190 1.230 ? 2.170 ? ? ? ? 193 99.500  ? ? ? ? 0.305 ? ? ? ? ? ? ? ? 2.528 ? ? ? ? 0.383 ? ? 4  1 0.895 ? ? 
1.230 1.270 ? 2.110 ? ? ? ? 185 100.000 ? ? ? ? 0.308 ? ? ? ? ? ? ? ? 2.470 ? ? ? ? 0.388 ? ? 5  1 0.889 ? ? 
1.270 1.310 ? 2.250 ? ? ? ? 214 100.0   ? ? ? ? 0.290 ? ? ? ? ? ? ? ? 2.687 ? ? ? ? 0.361 ? ? 6  1 0.938 ? ? 
1.310 1.360 ? 2.730 ? ? ? ? 197 97.000  ? ? ? ? 0.276 ? ? ? ? ? ? ? ? 2.670 ? ? ? ? 0.347 ? ? 7  1 0.903 ? ? 
1.360 1.420 ? 3.020 ? ? ? ? 171 96.100  ? ? ? ? 0.257 ? ? ? ? ? ? ? ? 2.667 ? ? ? ? 0.315 ? ? 8  1 0.908 ? ? 
1.420 1.480 ? 3.270 ? ? ? ? 178 100.000 ? ? ? ? 0.263 ? ? ? ? ? ? ? ? 2.826 ? ? ? ? 0.322 ? ? 9  1 0.904 ? ? 
1.480 1.560 ? 3.740 ? ? ? ? 164 100.000 ? ? ? ? 0.188 ? ? ? ? ? ? ? ? 2.872 ? ? ? ? 0.235 ? ? 10 1 0.927 ? ? 
1.560 1.640 ? 3.560 ? ? ? ? 168 98.800  ? ? ? ? 0.233 ? ? ? ? ? ? ? ? 2.821 ? ? ? ? 0.285 ? ? 11 1 0.955 ? ? 
1.640 1.740 ? 3.860 ? ? ? ? 144 94.700  ? ? ? ? 0.180 ? ? ? ? ? ? ? ? 2.618 ? ? ? ? 0.224 ? ? 12 1 0.934 ? ? 
1.740 1.860 ? 4.590 ? ? ? ? 132 96.400  ? ? ? ? 0.174 ? ? ? ? ? ? ? ? 2.758 ? ? ? ? 0.216 ? ? 13 1 0.944 ? ? 
1.860 2.010 ? 4.820 ? ? ? ? 138 99.300  ? ? ? ? 0.198 ? ? ? ? ? ? ? ? 2.725 ? ? ? ? 0.244 ? ? 14 1 0.930 ? ? 
2.010 2.200 ? 5.330 ? ? ? ? 112 93.300  ? ? ? ? 0.143 ? ? ? ? ? ? ? ? 2.964 ? ? ? ? 0.174 ? ? 15 1 0.963 ? ? 
2.200 2.460 ? 5.610 ? ? ? ? 112 99.100  ? ? ? ? 0.169 ? ? ? ? ? ? ? ? 2.911 ? ? ? ? 0.208 ? ? 16 1 0.934 ? ? 
2.460 2.840 ? 5.540 ? ? ? ? 97  98.000  ? ? ? ? 0.211 ? ? ? ? ? ? ? ? 3.000 ? ? ? ? 0.263 ? ? 17 1 0.977 ? ? 
2.840 3.480 ? 5.610 ? ? ? ? 80  94.100  ? ? ? ? 0.156 ? ? ? ? ? ? ? ? 2.600 ? ? ? ? 0.192 ? ? 18 1 0.917 ? ? 
3.480 4.920 ? 6.400 ? ? ? ? 66  98.500  ? ? ? ? 0.153 ? ? ? ? ? ? ? ? 3.121 ? ? ? ? 0.186 ? ? 19 1 0.946 ? ? 
4.920 25.81 ? 5.500 ? ? ? ? 35  100.000 ? ? ? ? 0.162 ? ? ? ? ? ? ? ? 2.657 ? ? ? ? 0.191 ? ? 20 1 0.993 ? ? 
# 
_refine.aniso_B[1][1]                            1.396 
_refine.aniso_B[1][2]                            -0.000 
_refine.aniso_B[1][3]                            -0.326 
_refine.aniso_B[2][2]                            -0.316 
_refine.aniso_B[2][3]                            0.000 
_refine.aniso_B[3][3]                            -0.688 
_refine.B_iso_max                                ? 
_refine.B_iso_mean                               6.298 
_refine.B_iso_min                                ? 
_refine.correlation_coeff_Fo_to_Fc               0.979 
_refine.correlation_coeff_Fo_to_Fc_free          0.974 
_refine.details                                  'Hydrogens have been added in their riding positions' 
_refine.diff_density_max                         ? 
_refine.diff_density_max_esd                     ? 
_refine.diff_density_min                         ? 
_refine.diff_density_min_esd                     ? 
_refine.diff_density_rms                         ? 
_refine.diff_density_rms_esd                     ? 
_refine.entry_id                                 7K3C 
_refine.pdbx_refine_id                           'X-RAY DIFFRACTION' 
_refine.ls_abs_structure_details                 ? 
_refine.ls_abs_structure_Flack                   ? 
_refine.ls_abs_structure_Flack_esd               ? 
_refine.ls_abs_structure_Rogers                  ? 
_refine.ls_abs_structure_Rogers_esd              ? 
_refine.ls_d_res_high                            1.100 
_refine.ls_d_res_low                             25.805 
_refine.ls_extinction_coef                       ? 
_refine.ls_extinction_coef_esd                   ? 
_refine.ls_extinction_expression                 ? 
_refine.ls_extinction_method                     ? 
_refine.ls_goodness_of_fit_all                   ? 
_refine.ls_goodness_of_fit_all_esd               ? 
_refine.ls_goodness_of_fit_obs                   ? 
_refine.ls_goodness_of_fit_obs_esd               ? 
_refine.ls_hydrogen_treatment                    ? 
_refine.ls_matrix_type                           ? 
_refine.ls_number_constraints                    ? 
_refine.ls_number_parameters                     ? 
_refine.ls_number_reflns_all                     ? 
_refine.ls_number_reflns_obs                     2926 
_refine.ls_number_reflns_R_free                  293 
_refine.ls_number_reflns_R_work                  2633 
_refine.ls_number_restraints                     ? 
_refine.ls_percent_reflns_obs                    93.782 
_refine.ls_percent_reflns_R_free                 10.014 
_refine.ls_R_factor_all                          0.158 
_refine.ls_R_factor_obs                          ? 
_refine.ls_R_factor_R_free                       0.1694 
_refine.ls_R_factor_R_free_error                 ? 
_refine.ls_R_factor_R_free_error_details         ? 
_refine.ls_R_factor_R_work                       0.1562 
_refine.ls_R_Fsqd_factor_obs                     ? 
_refine.ls_R_I_factor_obs                        ? 
_refine.ls_redundancy_reflns_all                 ? 
_refine.ls_redundancy_reflns_obs                 ? 
_refine.ls_restrained_S_all                      ? 
_refine.ls_restrained_S_obs                      ? 
_refine.ls_shift_over_esd_max                    ? 
_refine.ls_shift_over_esd_mean                   ? 
_refine.ls_structure_factor_coef                 ? 
_refine.ls_weighting_details                     ? 
_refine.ls_weighting_scheme                      ? 
_refine.ls_wR_factor_all                         ? 
_refine.ls_wR_factor_obs                         ? 
_refine.ls_wR_factor_R_free                      ? 
_refine.ls_wR_factor_R_work                      ? 
_refine.occupancy_max                            ? 
_refine.occupancy_min                            ? 
_refine.solvent_model_details                    'MASK BULK SOLVENT' 
_refine.solvent_model_param_bsol                 ? 
_refine.solvent_model_param_ksol                 ? 
_refine.pdbx_R_complete                          ? 
_refine.ls_R_factor_gt                           ? 
_refine.ls_goodness_of_fit_gt                    ? 
_refine.ls_goodness_of_fit_ref                   ? 
_refine.ls_shift_over_su_max                     ? 
_refine.ls_shift_over_su_max_lt                  ? 
_refine.ls_shift_over_su_mean                    ? 
_refine.ls_shift_over_su_mean_lt                 ? 
_refine.pdbx_ls_sigma_I                          ? 
_refine.pdbx_ls_sigma_F                          ? 
_refine.pdbx_ls_sigma_Fsqd                       ? 
_refine.pdbx_data_cutoff_high_absF               ? 
_refine.pdbx_data_cutoff_high_rms_absF           ? 
_refine.pdbx_data_cutoff_low_absF                ? 
_refine.pdbx_isotropic_thermal_model             ? 
_refine.pdbx_ls_cross_valid_method               'FREE R-VALUE' 
_refine.pdbx_method_to_determine_struct          'AB INITIO PHASING' 
_refine.pdbx_starting_model                      ? 
_refine.pdbx_stereochemistry_target_values       ? 
_refine.pdbx_R_Free_selection_details            ? 
_refine.pdbx_stereochem_target_val_spec_case     ? 
_refine.pdbx_overall_ESU_R                       0.045 
_refine.pdbx_overall_ESU_R_Free                  0.039 
_refine.pdbx_solvent_vdw_probe_radii             1.200 
_refine.pdbx_solvent_ion_probe_radii             0.800 
_refine.pdbx_solvent_shrinkage_radii             0.800 
_refine.pdbx_real_space_R                        ? 
_refine.pdbx_density_correlation                 ? 
_refine.pdbx_pd_number_of_powder_patterns        ? 
_refine.pdbx_pd_number_of_points                 ? 
_refine.pdbx_pd_meas_number_of_points            ? 
_refine.pdbx_pd_proc_ls_prof_R_factor            ? 
_refine.pdbx_pd_proc_ls_prof_wR_factor           ? 
_refine.pdbx_pd_Marquardt_correlation_coeff      ? 
_refine.pdbx_pd_Fsqrd_R_factor                   ? 
_refine.pdbx_pd_ls_matrix_band_width             ? 
_refine.pdbx_overall_phase_error                 ? 
_refine.pdbx_overall_SU_R_free_Cruickshank_DPI   ? 
_refine.pdbx_overall_SU_R_free_Blow_DPI          ? 
_refine.pdbx_overall_SU_R_Blow_DPI               ? 
_refine.pdbx_TLS_residual_ADP_flag               ? 
_refine.pdbx_diffrn_id                           1 
_refine.overall_SU_B                             1.972 
_refine.overall_SU_ML                            0.039 
_refine.overall_SU_R_Cruickshank_DPI             ? 
_refine.overall_SU_R_free                        ? 
_refine.overall_FOM_free_R_set                   ? 
_refine.overall_FOM_work_R_set                   ? 
_refine.pdbx_average_fsc_overall                 ? 
_refine.pdbx_average_fsc_work                    ? 
_refine.pdbx_average_fsc_free                    ? 
# 
_refine_hist.pdbx_refine_id                   'X-RAY DIFFRACTION' 
_refine_hist.cycle_id                         LAST 
_refine_hist.details                          ? 
_refine_hist.d_res_high                       1.100 
_refine_hist.d_res_low                        25.805 
_refine_hist.number_atoms_solvent             5 
_refine_hist.number_atoms_total               105 
_refine_hist.number_reflns_all                ? 
_refine_hist.number_reflns_obs                ? 
_refine_hist.number_reflns_R_free             ? 
_refine_hist.number_reflns_R_work             ? 
_refine_hist.R_factor_all                     ? 
_refine_hist.R_factor_obs                     ? 
_refine_hist.R_factor_R_free                  ? 
_refine_hist.R_factor_R_work                  ? 
_refine_hist.pdbx_number_residues_total       ? 
_refine_hist.pdbx_B_iso_mean_ligand           ? 
_refine_hist.pdbx_B_iso_mean_solvent          ? 
_refine_hist.pdbx_number_atoms_protein        84 
_refine_hist.pdbx_number_atoms_nucleic_acid   0 
_refine_hist.pdbx_number_atoms_ligand         16 
_refine_hist.pdbx_number_atoms_lipid          ? 
_refine_hist.pdbx_number_atoms_carb           ? 
_refine_hist.pdbx_pseudo_atom_details         ? 
# 
loop_
_refine_ls_restr.pdbx_refine_id 
_refine_ls_restr.criterion 
_refine_ls_restr.dev_ideal 
_refine_ls_restr.dev_ideal_target 
_refine_ls_restr.number 
_refine_ls_restr.rejects 
_refine_ls_restr.type 
_refine_ls_restr.weight 
_refine_ls_restr.pdbx_restraint_function 
'X-RAY DIFFRACTION' ? 0.012 0.014  95  ? r_bond_refined_d               ? ? 
'X-RAY DIFFRACTION' ? 0.009 0.018  106 ? r_bond_other_d                 ? ? 
'X-RAY DIFFRACTION' ? 1.815 1.713  116 ? r_angle_refined_deg            ? ? 
'X-RAY DIFFRACTION' ? 1.613 1.647  244 ? r_angle_other_deg              ? ? 
'X-RAY DIFFRACTION' ? 2.650 5.000  12  ? r_dihedral_angle_1_deg         ? ? 
'X-RAY DIFFRACTION' ? 6.783 15.000 14  ? r_dihedral_angle_3_deg         ? ? 
'X-RAY DIFFRACTION' ? 0.051 0.200  12  ? r_chiral_restr                 ? ? 
'X-RAY DIFFRACTION' ? 0.004 0.020  100 ? r_gen_planes_refined           ? ? 
'X-RAY DIFFRACTION' ? 0.001 0.020  12  ? r_gen_planes_other             ? ? 
'X-RAY DIFFRACTION' ? 0.057 0.200  5   ? r_nbd_refined                  ? ? 
'X-RAY DIFFRACTION' ? 0.194 0.200  62  ? r_symmetry_nbd_other           ? ? 
'X-RAY DIFFRACTION' ? 0.150 0.200  43  ? r_nbtor_refined                ? ? 
'X-RAY DIFFRACTION' ? 0.126 0.200  49  ? r_symmetry_nbtor_other         ? ? 
'X-RAY DIFFRACTION' ? 0.115 0.200  4   ? r_xyhbond_nbd_refined          ? ? 
'X-RAY DIFFRACTION' ? 0.341 0.200  7   ? r_symmetry_nbd_refined         ? ? 
'X-RAY DIFFRACTION' ? 0.191 0.200  32  ? r_nbd_other                    ? ? 
'X-RAY DIFFRACTION' ? 0.098 0.200  9   ? r_symmetry_xyhbond_nbd_refined ? ? 
'X-RAY DIFFRACTION' ? 0.837 0.618  54  ? r_mcbond_it                    ? ? 
'X-RAY DIFFRACTION' ? 0.770 0.614  53  ? r_mcbond_other                 ? ? 
'X-RAY DIFFRACTION' ? 0.760 0.939  64  ? r_mcangle_it                   ? ? 
'X-RAY DIFFRACTION' ? 0.769 0.940  65  ? r_mcangle_other                ? ? 
'X-RAY DIFFRACTION' ? 2.283 1.239  41  ? r_scbond_it                    ? ? 
'X-RAY DIFFRACTION' ? 2.258 1.277  42  ? r_scbond_other                 ? ? 
'X-RAY DIFFRACTION' ? 2.539 1.544  52  ? r_scangle_it                   ? ? 
'X-RAY DIFFRACTION' ? 2.516 7.959  53  ? r_scangle_other                ? ? 
'X-RAY DIFFRACTION' ? 1.215 8.002  74  ? r_lrange_it                    ? ? 
'X-RAY DIFFRACTION' ? 1.277 8.411  75  ? r_lrange_other                 ? ? 
'X-RAY DIFFRACTION' ? 8.451 3.000  200 ? r_rigid_bond_restr             ? ? 
# 
loop_
_refine_ls_shell.pdbx_refine_id 
_refine_ls_shell.d_res_high 
_refine_ls_shell.d_res_low 
_refine_ls_shell.number_reflns_all 
_refine_ls_shell.number_reflns_obs 
_refine_ls_shell.number_reflns_R_free 
_refine_ls_shell.number_reflns_R_work 
_refine_ls_shell.percent_reflns_obs 
_refine_ls_shell.percent_reflns_R_free 
_refine_ls_shell.R_factor_all 
_refine_ls_shell.R_factor_obs 
_refine_ls_shell.R_factor_R_free 
_refine_ls_shell.R_factor_R_free_error 
_refine_ls_shell.R_factor_R_work 
_refine_ls_shell.redundancy_reflns_all 
_refine_ls_shell.redundancy_reflns_obs 
_refine_ls_shell.wR_factor_all 
_refine_ls_shell.wR_factor_obs 
_refine_ls_shell.wR_factor_R_free 
_refine_ls_shell.wR_factor_R_work 
_refine_ls_shell.pdbx_R_complete 
_refine_ls_shell.pdbx_total_number_of_bins_used 
_refine_ls_shell.pdbx_phase_error 
_refine_ls_shell.pdbx_fsc_work 
_refine_ls_shell.pdbx_fsc_free 
'X-RAY DIFFRACTION' 1.100 1.128  238 . 15 130 60.9244  . 0.293 . 0.231 . 0.300 . . . . . 0.290 . 20 . 0.784 0.816 
'X-RAY DIFFRACTION' 1.128 1.159  225 . 16 149 73.3333  . 0.270 . 0.357 . 0.260 . . . . . 0.274 . 20 . 0.848 0.827 
'X-RAY DIFFRACTION' 1.159 1.193  238 . 23 206 96.2185  . 0.205 . 0.237 . 0.201 . . . . . 0.210 . 20 . 0.899 0.876 
'X-RAY DIFFRACTION' 1.193 1.229  191 . 19 172 100.0000 . 0.200 . 0.254 . 0.193 . . . . . 0.205 . 20 . 0.909 0.864 
'X-RAY DIFFRACTION' 1.229 1.270  186 . 19 167 100.0000 . 0.246 . 0.266 . 0.243 . . . . . 0.244 . 20 . 0.881 0.838 
'X-RAY DIFFRACTION' 1.270 1.314  217 . 21 194 99.0783  . 0.215 . 0.284 . 0.206 . . . . . 0.205 . 20 . 0.907 0.873 
'X-RAY DIFFRACTION' 1.314 1.364  197 . 20 175 98.9848  . 0.172 . 0.179 . 0.171 . . . . . 0.185 . 20 . 0.937 0.927 
'X-RAY DIFFRACTION' 1.364 1.419  173 . 17 153 98.2659  . 0.163 . 0.162 . 0.164 . . . . . 0.173 . 20 . 0.936 0.966 
'X-RAY DIFFRACTION' 1.419 1.482  178 . 17 161 100.0000 . 0.192 . 0.200 . 0.191 . . . . . 0.200 . 20 . 0.933 0.955 
'X-RAY DIFFRACTION' 1.482 1.554  164 . 17 145 98.7805  . 0.166 . 0.172 . 0.165 . . . . . 0.186 . 20 . 0.953 0.936 
'X-RAY DIFFRACTION' 1.554 1.638  175 . 17 156 98.8571  . 0.174 . 0.295 . 0.162 . . . . . 0.179 . 20 . 0.949 0.913 
'X-RAY DIFFRACTION' 1.638 1.737  145 . 14 129 98.6207  . 0.169 . 0.195 . 0.165 . . . . . 0.174 . 20 . 0.947 0.946 
'X-RAY DIFFRACTION' 1.737 1.856  137 . 13 118 95.6204  . 0.133 . 0.150 . 0.132 . . . . . 0.149 . 20 . 0.967 0.956 
'X-RAY DIFFRACTION' 1.856 2.004  143 . 14 125 97.2028  . 0.124 . 0.114 . 0.125 . . . . . 0.138 . 20 . 0.975 0.976 
'X-RAY DIFFRACTION' 2.004 2.194  113 . 11 100 98.2301  . 0.127 . 0.164 . 0.123 . . . . . 0.140 . 20 . 0.980 0.974 
'X-RAY DIFFRACTION' 2.194 2.450  113 . 11 100 98.2301  . 0.124 . 0.085 . 0.129 . . . . . 0.142 . 20 . 0.978 0.987 
'X-RAY DIFFRACTION' 2.450 2.825  99  . 10 88  98.9899  . 0.136 . 0.095 . 0.143 . . . . . 0.173 . 20 . 0.974 0.980 
'X-RAY DIFFRACTION' 2.825 3.450  84  . 8  73  96.4286  . 0.125 . 0.130 . 0.125 . . . . . 0.139 . 20 . 0.977 0.979 
'X-RAY DIFFRACTION' 3.450 4.836  68  . 7  60  98.5294  . 0.095 . 0.111 . 0.093 . . . . . 0.141 . 20 . 0.988 0.980 
'X-RAY DIFFRACTION' 4.836 25.805 35  . 4  31  100.0000 . 0.187 . 0.188 . 0.187 . . . . . 0.209 . 20 . 0.973 0.893 
# 
_struct.entry_id                     7K3C 
_struct.title                        'SGMGGIT segment 58-64 from Keratin-8' 
_struct.pdbx_model_details           ? 
_struct.pdbx_formula_weight          ? 
_struct.pdbx_formula_weight_method   ? 
_struct.pdbx_model_type_details      ? 
_struct.pdbx_CASP_flag               N 
# 
_struct_keywords.entry_id        7K3C 
_struct_keywords.text            'amyloid filament, low complexity sequence, PROTEIN FIBRIL' 
_struct_keywords.pdbx_keywords   'PROTEIN FIBRIL' 
# 
loop_
_struct_asym.id 
_struct_asym.pdbx_blank_PDB_chainid_flag 
_struct_asym.pdbx_modified 
_struct_asym.entity_id 
_struct_asym.details 
A N N 1 ? 
B N N 1 ? 
C N N 2 ? 
D N N 2 ? 
E N N 3 ? 
F N N 4 ? 
G N N 4 ? 
# 
_struct_ref.id                         1 
_struct_ref.db_name                    PDB 
_struct_ref.db_code                    7K3C 
_struct_ref.pdbx_db_accession          7K3C 
_struct_ref.pdbx_db_isoform            ? 
_struct_ref.entity_id                  1 
_struct_ref.pdbx_seq_one_letter_code   ? 
_struct_ref.pdbx_align_begin           1 
# 
loop_
_struct_ref_seq.align_id 
_struct_ref_seq.ref_id 
_struct_ref_seq.pdbx_PDB_id_code 
_struct_ref_seq.pdbx_strand_id 
_struct_ref_seq.seq_align_beg 
_struct_ref_seq.pdbx_seq_align_beg_ins_code 
_struct_ref_seq.seq_align_end 
_struct_ref_seq.pdbx_seq_align_end_ins_code 
_struct_ref_seq.pdbx_db_accession 
_struct_ref_seq.db_align_beg 
_struct_ref_seq.pdbx_db_align_beg_ins_code 
_struct_ref_seq.db_align_end 
_struct_ref_seq.pdbx_db_align_end_ins_code 
_struct_ref_seq.pdbx_auth_seq_align_beg 
_struct_ref_seq.pdbx_auth_seq_align_end 
1 1 7K3C A 1 ? 7 ? 7K3C 58 ? 64 ? 58 64 
2 1 7K3C B 1 ? 7 ? 7K3C 58 ? 64 ? 58 64 
# 
_pdbx_struct_assembly.id                   1 
_pdbx_struct_assembly.details              author_defined_assembly 
_pdbx_struct_assembly.method_details       ? 
_pdbx_struct_assembly.oligomeric_details   dodecameric 
_pdbx_struct_assembly.oligomeric_count     12 
# 
loop_
_pdbx_struct_assembly_gen.assembly_id 
_pdbx_struct_assembly_gen.oper_expression 
_pdbx_struct_assembly_gen.asym_id_list 
1 1 A,B,C,D,E,F,G 
1 2 A,B,C,D,E,F,G 
1 3 A,B,C,D,E,F,G 
1 4 A,B,C,D,E,F,G 
1 5 A,B,C,D,E,F,G 
1 6 A,B,C,D,E,F,G 
# 
_pdbx_struct_assembly_auth_evidence.id                     1 
_pdbx_struct_assembly_auth_evidence.assembly_id            1 
_pdbx_struct_assembly_auth_evidence.experimental_support   none 
_pdbx_struct_assembly_auth_evidence.details                ? 
# 
loop_
_pdbx_struct_oper_list.id 
_pdbx_struct_oper_list.type 
_pdbx_struct_oper_list.name 
_pdbx_struct_oper_list.symmetry_operation 
_pdbx_struct_oper_list.matrix[1][1] 
_pdbx_struct_oper_list.matrix[1][2] 
_pdbx_struct_oper_list.matrix[1][3] 
_pdbx_struct_oper_list.vector[1] 
_pdbx_struct_oper_list.matrix[2][1] 
_pdbx_struct_oper_list.matrix[2][2] 
_pdbx_struct_oper_list.matrix[2][3] 
_pdbx_struct_oper_list.vector[2] 
_pdbx_struct_oper_list.matrix[3][1] 
_pdbx_struct_oper_list.matrix[3][2] 
_pdbx_struct_oper_list.matrix[3][3] 
_pdbx_struct_oper_list.vector[3] 
1 'identity operation'         1_555 x,y,z     1.0000000000 0.0000000000 0.0000000000 0.0000000000  0.0000000000 1.0000000000 0.0000000000 0.0000000000  0.0000000000 0.0000000000 1.0000000000 0.0000000000  
2 'crystal symmetry operation' 1_554 x,y,z-1   1.0000000000 0.0000000000 0.0000000000 -5.8394086938 0.0000000000 1.0000000000 0.0000000000 3.4770380299  0.0000000000 0.0000000000 1.0000000000 -6.6807494075 
3 'crystal symmetry operation' 1_556 x,y,z+1   1.0000000000 0.0000000000 0.0000000000 5.8394086938  0.0000000000 1.0000000000 0.0000000000 -3.4770380299 0.0000000000 0.0000000000 1.0000000000 6.6807494075  
4 'crystal symmetry operation' 1_455 x-1,y,z   1.0000000000 0.0000000000 0.0000000000 -1.3645067698 0.0000000000 1.0000000000 0.0000000000 4.0344156968  0.0000000000 0.0000000000 1.0000000000 7.1938314729  
5 'crystal symmetry operation' 1_454 x-1,y,z-1 1.0000000000 0.0000000000 0.0000000000 -7.2039154637 0.0000000000 1.0000000000 0.0000000000 7.5114537267  0.0000000000 0.0000000000 1.0000000000 0.5130820655  
6 'crystal symmetry operation' 1_456 x-1,y,z+1 1.0000000000 0.0000000000 0.0000000000 4.4749019240  0.0000000000 1.0000000000 0.0000000000 0.5573776669  0.0000000000 0.0000000000 1.0000000000 13.8745808804  
# 
_struct_sheet.id               AA1 
_struct_sheet.type             ? 
_struct_sheet.number_strands   2 
_struct_sheet.details          ? 
# 
_struct_sheet_order.sheet_id     AA1 
_struct_sheet_order.range_id_1   1 
_struct_sheet_order.range_id_2   2 
_struct_sheet_order.offset       ? 
_struct_sheet_order.sense        anti-parallel 
# 
loop_
_struct_sheet_range.sheet_id 
_struct_sheet_range.id 
_struct_sheet_range.beg_label_comp_id 
_struct_sheet_range.beg_label_asym_id 
_struct_sheet_range.beg_label_seq_id 
_struct_sheet_range.pdbx_beg_PDB_ins_code 
_struct_sheet_range.end_label_comp_id 
_struct_sheet_range.end_label_asym_id 
_struct_sheet_range.end_label_seq_id 
_struct_sheet_range.pdbx_end_PDB_ins_code 
_struct_sheet_range.beg_auth_comp_id 
_struct_sheet_range.beg_auth_asym_id 
_struct_sheet_range.beg_auth_seq_id 
_struct_sheet_range.end_auth_comp_id 
_struct_sheet_range.end_auth_asym_id 
_struct_sheet_range.end_auth_seq_id 
AA1 1 GLY A 2 ? ILE A 6 ? GLY A 59 ILE A 63 
AA1 2 MET B 3 ? THR B 7 ? MET B 60 THR B 64 
# 
_pdbx_struct_sheet_hbond.sheet_id                AA1 
_pdbx_struct_sheet_hbond.range_id_1              1 
_pdbx_struct_sheet_hbond.range_id_2              2 
_pdbx_struct_sheet_hbond.range_1_label_atom_id   N 
_pdbx_struct_sheet_hbond.range_1_label_comp_id   GLY 
_pdbx_struct_sheet_hbond.range_1_label_asym_id   A 
_pdbx_struct_sheet_hbond.range_1_label_seq_id    2 
_pdbx_struct_sheet_hbond.range_1_PDB_ins_code    ? 
_pdbx_struct_sheet_hbond.range_1_auth_atom_id    N 
_pdbx_struct_sheet_hbond.range_1_auth_comp_id    GLY 
_pdbx_struct_sheet_hbond.range_1_auth_asym_id    A 
_pdbx_struct_sheet_hbond.range_1_auth_seq_id     59 
_pdbx_struct_sheet_hbond.range_2_label_atom_id   O 
_pdbx_struct_sheet_hbond.range_2_label_comp_id   THR 
_pdbx_struct_sheet_hbond.range_2_label_asym_id   B 
_pdbx_struct_sheet_hbond.range_2_label_seq_id    7 
_pdbx_struct_sheet_hbond.range_2_PDB_ins_code    ? 
_pdbx_struct_sheet_hbond.range_2_auth_atom_id    O 
_pdbx_struct_sheet_hbond.range_2_auth_comp_id    THR 
_pdbx_struct_sheet_hbond.range_2_auth_asym_id    B 
_pdbx_struct_sheet_hbond.range_2_auth_seq_id     64 
# 
_pdbx_entry_details.entry_id                 7K3C 
_pdbx_entry_details.has_ligand_of_interest   N 
_pdbx_entry_details.compound_details         ? 
_pdbx_entry_details.source_details           ? 
_pdbx_entry_details.nonpolymer_details       ? 
_pdbx_entry_details.sequence_details         ? 
# 
loop_
_chem_comp_atom.comp_id 
_chem_comp_atom.atom_id 
_chem_comp_atom.type_symbol 
_chem_comp_atom.pdbx_aromatic_flag 
_chem_comp_atom.pdbx_stereo_config 
_chem_comp_atom.pdbx_ordinal 
EOH C1   C N N 1   
EOH C2   C N N 2   
EOH O    O N N 3   
EOH H11  H N N 4   
EOH H12  H N N 5   
EOH H21  H N N 6   
EOH H22  H N N 7   
EOH H23  H N N 8   
EOH HO   H N N 9   
GLY N    N N N 10  
GLY CA   C N N 11  
GLY C    C N N 12  
GLY O    O N N 13  
GLY OXT  O N N 14  
GLY H    H N N 15  
GLY H2   H N N 16  
GLY HA2  H N N 17  
GLY HA3  H N N 18  
GLY HXT  H N N 19  
HOH O    O N N 20  
HOH H1   H N N 21  
HOH H2   H N N 22  
ILE N    N N N 23  
ILE CA   C N S 24  
ILE C    C N N 25  
ILE O    O N N 26  
ILE CB   C N S 27  
ILE CG1  C N N 28  
ILE CG2  C N N 29  
ILE CD1  C N N 30  
ILE OXT  O N N 31  
ILE H    H N N 32  
ILE H2   H N N 33  
ILE HA   H N N 34  
ILE HB   H N N 35  
ILE HG12 H N N 36  
ILE HG13 H N N 37  
ILE HG21 H N N 38  
ILE HG22 H N N 39  
ILE HG23 H N N 40  
ILE HD11 H N N 41  
ILE HD12 H N N 42  
ILE HD13 H N N 43  
ILE HXT  H N N 44  
MET N    N N N 45  
MET CA   C N S 46  
MET C    C N N 47  
MET O    O N N 48  
MET CB   C N N 49  
MET CG   C N N 50  
MET SD   S N N 51  
MET CE   C N N 52  
MET OXT  O N N 53  
MET H    H N N 54  
MET H2   H N N 55  
MET HA   H N N 56  
MET HB2  H N N 57  
MET HB3  H N N 58  
MET HG2  H N N 59  
MET HG3  H N N 60  
MET HE1  H N N 61  
MET HE2  H N N 62  
MET HE3  H N N 63  
MET HXT  H N N 64  
PGE C1   C N N 65  
PGE O1   O N N 66  
PGE C2   C N N 67  
PGE O2   O N N 68  
PGE C3   C N N 69  
PGE C4   C N N 70  
PGE O4   O N N 71  
PGE C6   C N N 72  
PGE C5   C N N 73  
PGE O3   O N N 74  
PGE H1   H N N 75  
PGE H12  H N N 76  
PGE HO1  H N N 77  
PGE H2   H N N 78  
PGE H22  H N N 79  
PGE H3   H N N 80  
PGE H32  H N N 81  
PGE H4   H N N 82  
PGE H42  H N N 83  
PGE HO4  H N N 84  
PGE H6   H N N 85  
PGE H62  H N N 86  
PGE H5   H N N 87  
PGE H52  H N N 88  
SER N    N N N 89  
SER CA   C N S 90  
SER C    C N N 91  
SER O    O N N 92  
SER CB   C N N 93  
SER OG   O N N 94  
SER OXT  O N N 95  
SER H    H N N 96  
SER H2   H N N 97  
SER HA   H N N 98  
SER HB2  H N N 99  
SER HB3  H N N 100 
SER HG   H N N 101 
SER HXT  H N N 102 
THR N    N N N 103 
THR CA   C N S 104 
THR C    C N N 105 
THR O    O N N 106 
THR CB   C N R 107 
THR OG1  O N N 108 
THR CG2  C N N 109 
THR OXT  O N N 110 
THR H    H N N 111 
THR H2   H N N 112 
THR HA   H N N 113 
THR HB   H N N 114 
THR HG1  H N N 115 
THR HG21 H N N 116 
THR HG22 H N N 117 
THR HG23 H N N 118 
THR HXT  H N N 119 
# 
loop_
_chem_comp_bond.comp_id 
_chem_comp_bond.atom_id_1 
_chem_comp_bond.atom_id_2 
_chem_comp_bond.value_order 
_chem_comp_bond.pdbx_aromatic_flag 
_chem_comp_bond.pdbx_stereo_config 
_chem_comp_bond.pdbx_ordinal 
EOH C1  C2   sing N N 1   
EOH C1  O    sing N N 2   
EOH C1  H11  sing N N 3   
EOH C1  H12  sing N N 4   
EOH C2  H21  sing N N 5   
EOH C2  H22  sing N N 6   
EOH C2  H23  sing N N 7   
EOH O   HO   sing N N 8   
GLY N   CA   sing N N 9   
GLY N   H    sing N N 10  
GLY N   H2   sing N N 11  
GLY CA  C    sing N N 12  
GLY CA  HA2  sing N N 13  
GLY CA  HA3  sing N N 14  
GLY C   O    doub N N 15  
GLY C   OXT  sing N N 16  
GLY OXT HXT  sing N N 17  
HOH O   H1   sing N N 18  
HOH O   H2   sing N N 19  
ILE N   CA   sing N N 20  
ILE N   H    sing N N 21  
ILE N   H2   sing N N 22  
ILE CA  C    sing N N 23  
ILE CA  CB   sing N N 24  
ILE CA  HA   sing N N 25  
ILE C   O    doub N N 26  
ILE C   OXT  sing N N 27  
ILE CB  CG1  sing N N 28  
ILE CB  CG2  sing N N 29  
ILE CB  HB   sing N N 30  
ILE CG1 CD1  sing N N 31  
ILE CG1 HG12 sing N N 32  
ILE CG1 HG13 sing N N 33  
ILE CG2 HG21 sing N N 34  
ILE CG2 HG22 sing N N 35  
ILE CG2 HG23 sing N N 36  
ILE CD1 HD11 sing N N 37  
ILE CD1 HD12 sing N N 38  
ILE CD1 HD13 sing N N 39  
ILE OXT HXT  sing N N 40  
MET N   CA   sing N N 41  
MET N   H    sing N N 42  
MET N   H2   sing N N 43  
MET CA  C    sing N N 44  
MET CA  CB   sing N N 45  
MET CA  HA   sing N N 46  
MET C   O    doub N N 47  
MET C   OXT  sing N N 48  
MET CB  CG   sing N N 49  
MET CB  HB2  sing N N 50  
MET CB  HB3  sing N N 51  
MET CG  SD   sing N N 52  
MET CG  HG2  sing N N 53  
MET CG  HG3  sing N N 54  
MET SD  CE   sing N N 55  
MET CE  HE1  sing N N 56  
MET CE  HE2  sing N N 57  
MET CE  HE3  sing N N 58  
MET OXT HXT  sing N N 59  
PGE C1  O1   sing N N 60  
PGE C1  C2   sing N N 61  
PGE C1  H1   sing N N 62  
PGE C1  H12  sing N N 63  
PGE O1  HO1  sing N N 64  
PGE C2  O2   sing N N 65  
PGE C2  H2   sing N N 66  
PGE C2  H22  sing N N 67  
PGE O2  C3   sing N N 68  
PGE C3  C4   sing N N 69  
PGE C3  H3   sing N N 70  
PGE C3  H32  sing N N 71  
PGE C4  O3   sing N N 72  
PGE C4  H4   sing N N 73  
PGE C4  H42  sing N N 74  
PGE O4  C6   sing N N 75  
PGE O4  HO4  sing N N 76  
PGE C6  C5   sing N N 77  
PGE C6  H6   sing N N 78  
PGE C6  H62  sing N N 79  
PGE C5  O3   sing N N 80  
PGE C5  H5   sing N N 81  
PGE C5  H52  sing N N 82  
SER N   CA   sing N N 83  
SER N   H    sing N N 84  
SER N   H2   sing N N 85  
SER CA  C    sing N N 86  
SER CA  CB   sing N N 87  
SER CA  HA   sing N N 88  
SER C   O    doub N N 89  
SER C   OXT  sing N N 90  
SER CB  OG   sing N N 91  
SER CB  HB2  sing N N 92  
SER CB  HB3  sing N N 93  
SER OG  HG   sing N N 94  
SER OXT HXT  sing N N 95  
THR N   CA   sing N N 96  
THR N   H    sing N N 97  
THR N   H2   sing N N 98  
THR CA  C    sing N N 99  
THR CA  CB   sing N N 100 
THR CA  HA   sing N N 101 
THR C   O    doub N N 102 
THR C   OXT  sing N N 103 
THR CB  OG1  sing N N 104 
THR CB  CG2  sing N N 105 
THR CB  HB   sing N N 106 
THR OG1 HG1  sing N N 107 
THR CG2 HG21 sing N N 108 
THR CG2 HG22 sing N N 109 
THR CG2 HG23 sing N N 110 
THR OXT HXT  sing N N 111 
# 
_pdbx_audit_support.funding_organization   
'National Institutes of Health/National Institute of General Medical Sciences (NIH/NIGMS)' 
_pdbx_audit_support.country                'United States' 
_pdbx_audit_support.grant_number           'P30 GM124165' 
_pdbx_audit_support.ordinal                1 
# 
_atom_sites.entry_id                    7K3C 
_atom_sites.Cartn_transf_matrix[1][1]   ? 
_atom_sites.Cartn_transf_matrix[1][2]   ? 
_atom_sites.Cartn_transf_matrix[1][3]   ? 
_atom_sites.Cartn_transf_matrix[2][1]   ? 
_atom_sites.Cartn_transf_matrix[2][2]   ? 
_atom_sites.Cartn_transf_matrix[2][3]   ? 
_atom_sites.Cartn_transf_matrix[3][1]   ? 
_atom_sites.Cartn_transf_matrix[3][2]   ? 
_atom_sites.Cartn_transf_matrix[3][3]   ? 
_atom_sites.Cartn_transf_vector[1]      ? 
_atom_sites.Cartn_transf_vector[2]      ? 
_atom_sites.Cartn_transf_vector[3]      ? 
_atom_sites.fract_transf_matrix[1][1]   0.04871618 
_atom_sites.fract_transf_matrix[1][2]   -0.08063335 
_atom_sites.fract_transf_matrix[1][3]   -0.08454690 
_atom_sites.fract_transf_matrix[2][1]   0.01337416 
_atom_sites.fract_transf_matrix[2][2]   0.01315734 
_atom_sites.fract_transf_matrix[2][3]   -0.00484207 
_atom_sites.fract_transf_matrix[3][1]   0.07827660 
_atom_sites.fract_transf_matrix[3][2]   -0.06142518 
_atom_sites.fract_transf_matrix[3][3]   0.04929552 
_atom_sites.fract_transf_vector[1]      0.846189 
_atom_sites.fract_transf_vector[2]      0.456515 
_atom_sites.fract_transf_vector[3]      0.138128 
_atom_sites.solution_primary            ? 
_atom_sites.solution_secondary          ? 
_atom_sites.solution_hydrogens          ? 
_atom_sites.special_details             ? 
# 
loop_
_atom_type.symbol 
_atom_type.pdbx_scat_Z 
_atom_type.pdbx_N_electrons 
_atom_type.scat_Cromer_Mann_a1 
_atom_type.scat_Cromer_Mann_b1 
_atom_type.scat_Cromer_Mann_a2 
_atom_type.scat_Cromer_Mann_b2 
_atom_type.scat_Cromer_Mann_a3 
_atom_type.scat_Cromer_Mann_b3 
_atom_type.scat_Cromer_Mann_a4 
_atom_type.scat_Cromer_Mann_b4 
_atom_type.scat_Cromer_Mann_c 
C 6  6  2.310  20.844 1.020 10.208 1.589 0.569  0.865 51.651 0.216   
H 1  1  0.493  10.511 0.323 26.126 0.140 3.142  0.041 57.800 0.003   
N 7  7  12.222 0.006  3.135 9.893  2.014 28.997 1.167 0.583  -11.538 
O 8  8  3.049  13.277 2.287 5.701  1.546 0.324  0.867 32.909 0.251   
S 16 16 6.905  1.468  5.203 22.215 1.438 0.254  1.586 56.172 1.049   
# 
loop_
_atom_site.group_PDB 
_atom_site.id 
_atom_site.type_symbol 
_atom_site.label_atom_id 
_atom_site.label_alt_id 
_atom_site.label_comp_id 
_atom_site.label_asym_id 
_atom_site.label_entity_id 
_atom_site.label_seq_id 
_atom_site.pdbx_PDB_ins_code 
_atom_site.Cartn_x 
_atom_site.Cartn_y 
_atom_site.Cartn_z 
_atom_site.occupancy 
_atom_site.B_iso_or_equiv 
_atom_site.pdbx_formal_charge 
_atom_site.auth_seq_id 
_atom_site.auth_comp_id 
_atom_site.auth_asym_id 
_atom_site.auth_atom_id 
_atom_site.pdbx_PDB_model_num 
ATOM   1   N N    . SER A 1 1 ? -10.693 -6.889  2.384  1.000 6.306  0 58  SER A N    1 
ATOM   2   C CA   . SER A 1 1 ? -9.310  -7.115  1.895  1.000 6.416  0 58  SER A CA   1 
ATOM   3   C C    . SER A 1 1 ? -8.961  -6.076  0.833  1.000 7.370  0 58  SER A C    1 
ATOM   4   O O    . SER A 1 1 ? -9.872  -5.489  0.236  1.000 9.049  0 58  SER A O    1 
ATOM   5   C CB   . SER A 1 1 ? -9.130  -8.517  1.366  1.000 7.790  0 58  SER A CB   1 
ATOM   6   O OG   . SER A 1 1 ? -10.152 -8.847  0.440  1.000 8.903  0 58  SER A OG   1 
ATOM   7   H H1   . SER A 1 1 ? -11.200 -7.620  2.188  1.000 6.286  0 58  SER A H1   1 
ATOM   8   H H2   . SER A 1 1 ? -11.077 -6.118  1.958  1.000 6.400  0 58  SER A H2   1 
ATOM   9   H H3   . SER A 1 1 ? -10.684 -6.771  3.336  1.000 5.949  0 58  SER A H3   1 
ATOM   10  H HA   . SER A 1 1 ? -8.690  -7.000  2.665  1.000 5.835  0 58  SER A HA   1 
ATOM   11  H HB2  . SER A 1 1 ? -8.255  -8.589  0.922  1.000 7.737  0 58  SER A HB2  1 
ATOM   12  H HB3  . SER A 1 1 ? -9.153  -9.153  2.115  1.000 8.027  0 58  SER A HB3  1 
ATOM   13  N N    . GLY A 1 2 ? -7.668  -5.862  0.614  1.000 6.641  0 59  GLY A N    1 
ATOM   14  C CA   . GLY A 1 2 ? -7.229  -4.833  -0.321 1.000 7.925  0 59  GLY A CA   1 
ATOM   15  C C    . GLY A 1 2 ? -5.730  -4.709  -0.393 1.000 6.331  0 59  GLY A C    1 
ATOM   16  O O    . GLY A 1 2 ? -4.996  -5.306  0.420  1.000 6.693  0 59  GLY A O    1 
ATOM   17  H H    . GLY A 1 2 ? -6.996  -6.357  1.042  1.000 6.915  0 59  GLY A H    1 
ATOM   18  H HA2  . GLY A 1 2 ? -7.580  -5.050  -1.221 1.000 7.177  0 59  GLY A HA2  1 
ATOM   19  H HA3  . GLY A 1 2 ? -7.615  -3.964  -0.045 1.000 7.916  0 59  GLY A HA3  1 
ATOM   20  N N    . MET A 1 3 ? -5.282  -3.929  -1.362 1.000 5.662  0 60  MET A N    1 
ATOM   21  C CA   . MET A 1 3 ? -3.860  -3.633  -1.508 1.000 6.311  0 60  MET A CA   1 
ATOM   22  C C    . MET A 1 3 ? -3.739  -2.228  -2.074 1.000 6.311  0 60  MET A C    1 
ATOM   23  O O    . MET A 1 3 ? -4.596  -1.786  -2.875 1.000 8.143  0 60  MET A O    1 
ATOM   24  C CB   . MET A 1 3 ? -3.164  -4.641  -2.425 1.000 8.692  0 60  MET A CB   1 
ATOM   25  C CG   . MET A 1 3 ? -3.781  -4.784  -3.796 1.000 12.230 0 60  MET A CG   1 
ATOM   26  S SD   . MET A 1 3 ? -2.831  -5.936  -4.836 1.000 24.255 0 60  MET A SD   1 
ATOM   27  C CE   . MET A 1 3 ? -1.401  -4.911  -5.152 1.000 22.795 0 60  MET A CE   1 
ATOM   28  H H    . MET A 1 3 ? -5.850  -3.537  -1.996 1.000 5.818  0 60  MET A H    1 
ATOM   29  H HA   . MET A 1 3 ? -3.443  -3.655  -0.616 1.000 6.153  0 60  MET A HA   1 
ATOM   30  H HB2  . MET A 1 3 ? -2.231  -4.371  -2.529 1.000 8.834  0 60  MET A HB2  1 
ATOM   31  H HB3  . MET A 1 3 ? -3.172  -5.516  -1.988 1.000 8.652  0 60  MET A HB3  1 
ATOM   32  H HG2  . MET A 1 3 ? -4.701  -5.114  -3.707 1.000 11.869 0 60  MET A HG2  1 
ATOM   33  H HG3  . MET A 1 3 ? -3.812  -3.907  -4.235 1.000 11.852 0 60  MET A HG3  1 
ATOM   34  H HE1  . MET A 1 3 ? -0.785  -5.386  -5.717 1.000 22.768 0 60  MET A HE1  1 
ATOM   35  H HE2  . MET A 1 3 ? -1.680  -4.100  -5.591 1.000 23.394 0 60  MET A HE2  1 
ATOM   36  H HE3  . MET A 1 3 ? -0.970  -4.695  -4.316 1.000 21.294 0 60  MET A HE3  1 
ATOM   37  N N    . GLY A 1 4 ? -2.725  -1.506  -1.646 1.000 7.537  0 61  GLY A N    1 
ATOM   38  C CA   . GLY A 1 4 ? -2.608  -0.134  -2.118 1.000 8.214  0 61  GLY A CA   1 
ATOM   39  C C    . GLY A 1 4 ? -1.365  0.518   -1.589 1.000 5.281  0 61  GLY A C    1 
ATOM   40  O O    . GLY A 1 4 ? -0.641  -0.074  -0.751 1.000 6.900  0 61  GLY A O    1 
ATOM   41  H H    . GLY A 1 4 ? -2.070  -1.822  -1.055 1.000 7.165  0 61  GLY A H    1 
ATOM   42  H HA2  . GLY A 1 4 ? -2.590  -0.130  -3.107 1.000 8.007  0 61  GLY A HA2  1 
ATOM   43  H HA3  . GLY A 1 4 ? -3.402  0.379   -1.821 1.000 8.233  0 61  GLY A HA3  1 
ATOM   44  N N    . GLY A 1 5 ? -1.123  1.731   -2.053 1.000 5.258  0 62  GLY A N    1 
ATOM   45  C CA   . GLY A 1 5 ? 0.049   2.464   -1.600 1.000 6.326  0 62  GLY A CA   1 
ATOM   46  C C    . GLY A 1 5 ? 0.057   3.898   -2.057 1.000 4.902  0 62  GLY A C    1 
ATOM   47  O O    . GLY A 1 5 ? -0.825  4.342   -2.824 1.000 5.353  0 62  GLY A O    1 
ATOM   48  H H    . GLY A 1 5 ? -1.681  2.161   -2.670 1.000 5.317  0 62  GLY A H    1 
ATOM   49  H HA2  . GLY A 1 5 ? 0.078   2.442   -0.611 1.000 6.197  0 62  GLY A HA2  1 
ATOM   50  H HA3  . GLY A 1 5 ? 0.857   2.013   -1.939 1.000 6.200  0 62  GLY A HA3  1 
ATOM   51  N N    . ILE A 1 6 ? 1.055   4.603   -1.542 1.000 4.528  0 63  ILE A N    1 
ATOM   52  C CA   . ILE A 1 6 ? 1.325   6.035   -1.795 1.000 4.881  0 63  ILE A CA   1 
ATOM   53  C C    . ILE A 1 6 ? 2.803   6.146   -2.111 1.000 4.288  0 63  ILE A C    1 
ATOM   54  O O    . ILE A 1 6 ? 3.615   5.692   -1.285 1.000 5.131  0 63  ILE A O    1 
ATOM   55  C CB   . ILE A 1 6 ? 0.962   6.905   -0.577 1.000 4.913  0 63  ILE A CB   1 
ATOM   56  C CG1  . ILE A 1 6 ? -0.439  6.613   -0.034 1.000 4.668  0 63  ILE A CG1  1 
ATOM   57  C CG2  . ILE A 1 6 ? 1.140   8.382   -0.923 1.000 6.151  0 63  ILE A CG2  1 
ATOM   58  C CD1  . ILE A 1 6 ? -0.726  7.306   1.280  1.000 6.060  0 63  ILE A CD1  1 
ATOM   59  H H    . ILE A 1 6 ? 1.665   4.196   -0.956 1.000 4.455  0 63  ILE A H    1 
ATOM   60  H HA   . ILE A 1 6 ? 0.806   6.324   -2.566 1.000 4.578  0 63  ILE A HA   1 
ATOM   61  H HB   . ILE A 1 6 ? 1.604   6.688   0.142  1.000 4.974  0 63  ILE A HB   1 
ATOM   62  H HG12 . ILE A 1 6 ? -1.102  6.900   -0.698 1.000 4.780  0 63  ILE A HG12 1 
ATOM   63  H HG13 . ILE A 1 6 ? -0.537  5.645   0.090  1.000 4.855  0 63  ILE A HG13 1 
ATOM   64  H HG21 . ILE A 1 6 ? 2.063   8.551   -1.176 1.000 6.007  0 63  ILE A HG21 1 
ATOM   65  H HG22 . ILE A 1 6 ? 0.916   8.929   -0.151 1.000 5.978  0 63  ILE A HG22 1 
ATOM   66  H HG23 . ILE A 1 6 ? 0.554   8.616   -1.664 1.000 6.068  0 63  ILE A HG23 1 
ATOM   67  H HD11 . ILE A 1 6 ? -0.076  7.022   1.946  1.000 6.028  0 63  ILE A HD11 1 
ATOM   68  H HD12 . ILE A 1 6 ? -1.621  7.072   1.582  1.000 5.927  0 63  ILE A HD12 1 
ATOM   69  H HD13 . ILE A 1 6 ? -0.669  8.269   1.162  1.000 6.041  0 63  ILE A HD13 1 
ATOM   70  N N    . THR A 1 7 ? 3.139   6.694   -3.277 1.000 5.068  0 64  THR A N    1 
ATOM   71  C CA   . THR A 1 7 ? 4.551   6.913   -3.654 1.000 4.963  0 64  THR A CA   1 
ATOM   72  C C    . THR A 1 7 ? 4.909   8.391   -3.505 1.000 6.289  0 64  THR A C    1 
ATOM   73  O O    . THR A 1 7 ? 4.041   9.171   -3.128 1.000 8.397  0 64  THR A O    1 
ATOM   74  C CB   . THR A 1 7 ? 4.841   6.424   -5.072 1.000 5.032  0 64  THR A CB   1 
ATOM   75  O OG1  . THR A 1 7 ? 3.999   7.181   -5.950 1.000 5.843  0 64  THR A OG1  1 
ATOM   76  C CG2  . THR A 1 7 ? 4.600   4.943   -5.245 1.000 5.965  0 64  THR A CG2  1 
ATOM   77  O OXT  . THR A 1 7 ? 6.062   8.744   -3.763 1.000 7.231  0 64  THR A OXT  1 
ATOM   78  H H    . THR A 1 7 ? 2.513   6.970   -3.917 1.000 5.026  0 64  THR A H    1 
ATOM   79  H HA   . THR A 1 7 ? 5.115   6.397   -3.034 1.000 4.864  0 64  THR A HA   1 
ATOM   80  H HB   . THR A 1 7 ? 5.785   6.620   -5.282 1.000 5.056  0 64  THR A HB   1 
ATOM   81  H HG21 . THR A 1 7 ? 5.179   4.446   -4.641 1.000 5.933  0 64  THR A HG21 1 
ATOM   82  H HG22 . THR A 1 7 ? 4.795   4.686   -6.164 1.000 5.952  0 64  THR A HG22 1 
ATOM   83  H HG23 . THR A 1 7 ? 3.669   4.737   -5.042 1.000 5.801  0 64  THR A HG23 1 
ATOM   84  N N    . SER B 1 1 ? 10.323  7.698   -2.039 1.000 7.134  0 58  SER B N    1 
ATOM   85  C CA   . SER B 1 1 ? 9.950   6.764   -0.947 1.000 6.732  0 58  SER B CA   1 
ATOM   86  C C    . SER B 1 1 ? 8.434   6.792   -0.799 1.000 6.259  0 58  SER B C    1 
ATOM   87  O O    . SER B 1 1 ? 7.784   7.662   -1.423 1.000 7.031  0 58  SER B O    1 
ATOM   88  C CB   . SER B 1 1 ? 10.636  7.148   0.332  1.000 7.896  0 58  SER B CB   1 
ATOM   89  O OG   . SER B 1 1 ? 10.392  8.516   0.614  1.000 8.969  0 58  SER B OG   1 
ATOM   90  H H1   . SER B 1 1 ? 10.812  8.385   -1.692 1.000 7.214  0 58  SER B H1   1 
ATOM   91  H H2   . SER B 1 1 ? 9.532   8.050   -2.458 1.000 7.017  0 58  SER B H2   1 
ATOM   92  H H3   . SER B 1 1 ? 10.856  7.238   -2.692 1.000 7.224  0 58  SER B H3   1 
ATOM   93  H HA   . SER B 1 1 ? 10.240  5.848   -1.204 1.000 6.825  0 58  SER B HA   1 
ATOM   94  H HB2  . SER B 1 1 ? 10.292  6.594   1.066  1.000 7.736  0 58  SER B HB2  1 
ATOM   95  H HB3  . SER B 1 1 ? 11.603  6.995   0.247  1.000 7.744  0 58  SER B HB3  1 
ATOM   96  N N    . GLY B 1 2 ? 7.874   5.874   -0.021 1.000 6.350  0 59  GLY B N    1 
ATOM   97  C CA   . GLY B 1 2 ? 6.420   5.840   0.176  1.000 6.122  0 59  GLY B CA   1 
ATOM   98  C C    . GLY B 1 2 ? 6.028   4.724   1.106  1.000 4.865  0 59  GLY B C    1 
ATOM   99  O O    . GLY B 1 2 ? 6.878   4.237   1.889  1.000 6.728  0 59  GLY B O    1 
ATOM   100 H H    . GLY B 1 2 ? 8.376   5.223   0.429  1.000 6.159  0 59  GLY B H    1 
ATOM   101 H HA2  . GLY B 1 2 ? 6.122   6.706   0.553  1.000 6.169  0 59  GLY B HA2  1 
ATOM   102 H HA3  . GLY B 1 2 ? 5.980   5.712   -0.700 1.000 5.599  0 59  GLY B HA3  1 
ATOM   103 N N    . MET B 1 3 ? 4.776   4.303   1.006  1.000 5.239  0 60  MET B N    1 
ATOM   104 C CA   . MET B 1 3 ? 4.275   3.251   1.903  1.000 5.005  0 60  MET B CA   1 
ATOM   105 C C    . MET B 1 3 ? 3.202   2.463   1.174  1.000 4.610  0 60  MET B C    1 
ATOM   106 O O    . MET B 1 3 ? 2.522   2.999   0.289  1.000 5.707  0 60  MET B O    1 
ATOM   107 C CB   . MET B 1 3 ? 3.719   3.855   3.199  1.000 5.892  0 60  MET B CB   1 
ATOM   108 C CG   . MET B 1 3 ? 2.573   4.814   2.967  1.000 6.778  0 60  MET B CG   1 
ATOM   109 S SD   . MET B 1 3 ? 1.964   5.523   4.514  1.000 9.466  0 60  MET B SD   1 
ATOM   110 C CE   . MET B 1 3 ? 3.372   6.532   4.978  1.000 6.881  0 60  MET B CE   1 
ATOM   111 H H    . MET B 1 3 ? 4.166   4.648   0.384  1.000 5.167  0 60  MET B H    1 
ATOM   112 H HA   . MET B 1 3 ? 5.020   2.646   2.117  1.000 4.933  0 60  MET B HA   1 
ATOM   113 H HB2  . MET B 1 3 ? 3.415   3.128   3.778  1.000 5.958  0 60  MET B HB2  1 
ATOM   114 H HB3  . MET B 1 3 ? 4.441   4.323   3.661  1.000 5.704  0 60  MET B HB3  1 
ATOM   115 H HG2  . MET B 1 3 ? 2.869   5.540   2.378  1.000 7.052  0 60  MET B HG2  1 
ATOM   116 H HG3  . MET B 1 3 ? 1.837   4.342   2.523  1.000 6.914  0 60  MET B HG3  1 
ATOM   117 H HE1  . MET B 1 3 ? 3.179   6.992   5.802  1.000 7.111  0 60  MET B HE1  1 
ATOM   118 H HE2  . MET B 1 3 ? 4.145   5.971   5.095  1.000 7.059  0 60  MET B HE2  1 
ATOM   119 H HE3  . MET B 1 3 ? 3.545   7.178   4.284  1.000 6.894  0 60  MET B HE3  1 
ATOM   120 N N    . GLY B 1 4 ? 2.992   1.246   1.613  1.000 5.427  0 61  GLY B N    1 
ATOM   121 C CA   . GLY B 1 4 ? 1.945   0.446   0.994  1.000 5.986  0 61  GLY B CA   1 
ATOM   122 C C    . GLY B 1 4 ? 1.766   -0.852  1.716  1.000 5.753  0 61  GLY B C    1 
ATOM   123 O O    . GLY B 1 4 ? 2.574   -1.198  2.605  1.000 7.171  0 61  GLY B O    1 
ATOM   124 H H    . GLY B 1 4 ? 3.485   0.854   2.306  1.000 4.935  0 61  GLY B H    1 
ATOM   125 H HA2  . GLY B 1 4 ? 1.096   0.954   1.012  1.000 5.827  0 61  GLY B HA2  1 
ATOM   126 H HA3  . GLY B 1 4 ? 2.185   0.272   0.050  1.000 5.910  0 61  GLY B HA3  1 
ATOM   127 N N    . GLY B 1 5 ? 0.735   -1.588  1.328  1.000 6.736  0 62  GLY B N    1 
ATOM   128 C CA   . GLY B 1 5 ? 0.474   -2.861  1.974  1.000 9.215  0 62  GLY B CA   1 
ATOM   129 C C    . GLY B 1 5 ? -0.550  -3.688  1.253  1.000 6.964  0 62  GLY B C    1 
ATOM   130 O O    . GLY B 1 5 ? -1.206  -3.237  0.282  1.000 6.309  0 62  GLY B O    1 
ATOM   131 H H    . GLY B 1 5 ? 0.148   -1.327  0.648  1.000 6.468  0 62  GLY B H    1 
ATOM   132 H HA2  . GLY B 1 5 ? 1.321   -3.372  2.025  1.000 8.783  0 62  GLY B HA2  1 
ATOM   133 H HA3  . GLY B 1 5 ? 0.163   -2.693  2.898  1.000 8.949  0 62  GLY B HA3  1 
ATOM   134 N N    . ILE B 1 6 ? -0.679  -4.890  1.782  1.000 6.509  0 63  ILE B N    1 
ATOM   135 C CA   . ILE B 1 6 ? -1.640  -5.911  1.324  1.000 6.009  0 63  ILE B CA   1 
ATOM   136 C C    . ILE B 1 6 ? -2.293  -6.483  2.574  1.000 6.133  0 63  ILE B C    1 
ATOM   137 O O    . ILE B 1 6 ? -1.555  -6.854  3.507  1.000 6.716  0 63  ILE B O    1 
ATOM   138 C CB   . ILE B 1 6 ? -0.936  -7.023  0.524  1.000 6.494  0 63  ILE B CB   1 
ATOM   139 C CG1  . ILE B 1 6 ? -0.041  -6.471  -0.587 1.000 7.847  0 63  ILE B CG1  1 
ATOM   140 C CG2  . ILE B 1 6 ? -1.950  -8.026  0.012  1.000 7.913  0 63  ILE B CG2  1 
ATOM   141 C CD1  . ILE B 1 6 ? 0.698   -7.522  -1.351 1.000 9.895  0 63  ILE B CD1  1 
ATOM   142 H H    . ILE B 1 6 ? -0.140  -5.160  2.498  1.000 5.439  0 63  ILE B H    1 
ATOM   143 H HA   . ILE B 1 6 ? -2.317  -5.486  0.769  1.000 6.023  0 63  ILE B HA   1 
ATOM   144 H HB   . ILE B 1 6 ? -0.342  -7.501  1.152  1.000 6.606  0 63  ILE B HB   1 
ATOM   145 H HG12 . ILE B 1 6 ? -0.596  -5.958  -1.213 1.000 7.971  0 63  ILE B HG12 1 
ATOM   146 H HG13 . ILE B 1 6 ? 0.612   -5.857  -0.190 1.000 7.852  0 63  ILE B HG13 1 
ATOM   147 H HG21 . ILE B 1 6 ? -2.429  -8.419  0.761  1.000 8.184  0 63  ILE B HG21 1 
ATOM   148 H HG22 . ILE B 1 6 ? -1.496  -8.729  -0.481 1.000 8.237  0 63  ILE B HG22 1 
ATOM   149 H HG23 . ILE B 1 6 ? -2.584  -7.578  -0.575 1.000 7.800  0 63  ILE B HG23 1 
ATOM   150 H HD11 . ILE B 1 6 ? 1.254   -8.037  -0.742 1.000 9.697  0 63  ILE B HD11 1 
ATOM   151 H HD12 . ILE B 1 6 ? 1.262   -7.098  -2.022 1.000 9.753  0 63  ILE B HD12 1 
ATOM   152 H HD13 . ILE B 1 6 ? 0.065   -8.114  -1.791 1.000 10.168 0 63  ILE B HD13 1 
ATOM   153 N N    . THR B 1 7 ? -3.619  -6.601  2.560  1.000 6.492  0 64  THR B N    1 
ATOM   154 C CA   . THR B 1 7 ? -4.343  -7.227  3.676  1.000 6.443  0 64  THR B CA   1 
ATOM   155 C C    . THR B 1 7 ? -5.508  -8.056  3.137  1.000 7.366  0 64  THR B C    1 
ATOM   156 O O    . THR B 1 7 ? -5.966  -7.805  1.998  1.000 8.265  0 64  THR B O    1 
ATOM   157 C CB   . THR B 1 7 ? -4.775  -6.142  4.669  1.000 7.294  0 64  THR B CB   1 
ATOM   158 O OG1  . THR B 1 7 ? -5.185  -6.757  5.889  1.000 8.763  0 64  THR B OG1  1 
ATOM   159 C CG2  . THR B 1 7 ? -5.893  -5.266  4.138  1.000 8.322  0 64  THR B CG2  1 
ATOM   160 O OXT  . THR B 1 7 ? -5.959  -8.946  3.862  1.000 8.676  0 64  THR B OXT  1 
ATOM   161 H H    . THR B 1 7 ? -4.160  -6.295  1.860  1.000 6.345  0 64  THR B H    1 
ATOM   162 H HA   . THR B 1 7 ? -3.722  -7.836  4.138  1.000 6.621  0 64  THR B HA   1 
ATOM   163 H HB   . THR B 1 7 ? -3.992  -5.572  4.857  1.000 7.348  0 64  THR B HB   1 
ATOM   164 H HG21 . THR B 1 7 ? -5.600  -4.823  3.322  1.000 8.140  0 64  THR B HG21 1 
ATOM   165 H HG22 . THR B 1 7 ? -6.124  -4.596  4.805  1.000 8.314  0 64  THR B HG22 1 
ATOM   166 H HG23 . THR B 1 7 ? -6.676  -5.814  3.946  1.000 8.494  0 64  THR B HG23 1 
HETATM 167 C C1   . EOH C 2 . ? -9.650  -3.648  4.569  1.000 10.200 0 101 EOH A C1   1 
HETATM 168 C C2   . EOH C 2 . ? -9.207  -3.074  3.282  1.000 10.885 0 101 EOH A C2   1 
HETATM 169 O O    . EOH C 2 . ? -10.249 -4.921  4.389  1.000 8.586  0 101 EOH A O    1 
HETATM 170 H H11  . EOH C 2 . ? -10.296 -3.040  4.988  1.000 10.691 0 101 EOH A H11  1 
HETATM 171 H H12  . EOH C 2 . ? -8.875  -3.737  5.166  1.000 9.740  0 101 EOH A H12  1 
HETATM 172 H H21  . EOH C 2 . ? -8.795  -2.208  3.437  1.000 10.647 0 101 EOH A H21  1 
HETATM 173 H H22  . EOH C 2 . ? -9.971  -2.967  2.693  1.000 11.057 0 101 EOH A H22  1 
HETATM 174 H H23  . EOH C 2 . ? -8.560  -3.668  2.866  1.000 11.093 0 101 EOH A H23  1 
HETATM 175 H HO   . EOH C 2 . ? -10.342 -5.048  3.560  1.000 7.754  0 101 EOH A HO   1 
HETATM 176 C C1   . EOH D 2 . ? 7.938   8.375   2.827  1.000 13.382 0 101 EOH B C1   1 
HETATM 177 C C2   . EOH D 2 . ? 6.829   8.307   3.810  1.000 12.841 0 101 EOH B C2   1 
HETATM 178 O O    . EOH D 2 . ? 8.827   9.471   3.115  1.000 12.978 0 101 EOH B O    1 
HETATM 179 H H11  . EOH D 2 . ? 7.566   8.484   1.926  1.000 11.501 0 101 EOH B H11  1 
HETATM 180 H H12  . EOH D 2 . ? 8.443   7.535   2.853  1.000 13.536 0 101 EOH B H12  1 
HETATM 181 H H21  . EOH D 2 . ? 6.259   7.548   3.605  1.000 12.867 0 101 EOH B H21  1 
HETATM 182 H H22  . EOH D 2 . ? 6.307   9.124   3.767  1.000 13.078 0 101 EOH B H22  1 
HETATM 183 H H23  . EOH D 2 . ? 7.194   8.204   4.704  1.000 12.055 0 101 EOH B H23  1 
HETATM 184 H HO   . EOH D 2 . ? 8.439   9.991   3.666  1.000 12.834 0 101 EOH B HO   1 
HETATM 185 C C1   A PGE E 3 . ? -4.604  4.639   -1.282 0.500 28.333 0 102 PGE B C1   1 
HETATM 186 O O1   A PGE E 3 . ? -5.702  4.257   -2.103 0.500 29.781 0 102 PGE B O1   1 
HETATM 187 C C2   A PGE E 3 . ? -4.300  3.542   -0.304 0.500 28.335 0 102 PGE B C2   1 
HETATM 188 O O2   . PGE E 3 . ? -3.115  3.808   0.451  1.000 30.940 0 102 PGE B O2   1 
HETATM 189 C C3   . PGE E 3 . ? -2.718  2.711   1.260  1.000 27.497 0 102 PGE B C3   1 
HETATM 190 C C4   . PGE E 3 . ? -1.652  3.134   2.224  1.000 26.053 0 102 PGE B C4   1 
HETATM 191 O O4   B PGE E 3 . ? 1.208   1.140   5.488  0.500 24.194 0 102 PGE B O4   1 
HETATM 192 C C6   B PGE E 3 . ? 0.074   0.987   4.649  0.500 23.115 0 102 PGE B C6   1 
HETATM 193 C C5   B PGE E 3 . ? -0.090  2.202   3.791  0.500 23.816 0 102 PGE B C5   1 
HETATM 194 O O3   . PGE E 3 . ? -1.248  2.010   2.989  1.000 26.317 0 102 PGE B O3   1 
HETATM 195 H H1   . PGE E 3 . ? -3.820  4.810   -1.847 0.500 0.500  0 102 PGE B H1   1 
HETATM 196 H H12  . PGE E 3 . ? -4.828  5.463   -0.798 0.500 28.491 0 102 PGE B H12  1 
HETATM 197 H H2   . PGE E 3 . ? -5.060  3.446   0.307  0.500 28.762 0 102 PGE B H2   1 
HETATM 198 H H22  . PGE E 3 . ? -4.192  2.701   -0.799 0.500 28.911 0 102 PGE B H22  1 
HETATM 199 H H3   . PGE E 3 . ? -3.494  2.372   1.755  1.000 26.792 0 102 PGE B H3   1 
HETATM 200 H H32  . PGE E 3 . ? -2.377  1.990   0.688  1.000 25.904 0 102 PGE B H32  1 
HETATM 201 H H4   . PGE E 3 . ? -0.885  3.495   1.730  1.000 25.341 0 102 PGE B H4   1 
HETATM 202 H H42  . PGE E 3 . ? -2.001  3.834   2.817  1.000 26.309 0 102 PGE B H42  1 
HETATM 203 H H6   . PGE E 3 . ? -0.727  0.863   5.202  0.500 23.082 0 102 PGE B H6   1 
HETATM 204 H H62  . PGE E 3 . ? 0.186   0.193   4.082  0.500 24.795 0 102 PGE B H62  1 
HETATM 205 H H5   . PGE E 3 . ? 0.700   2.321   3.221  0.500 22.021 0 102 PGE B H5   1 
HETATM 206 H H52  . PGE E 3 . ? -0.197  3.000   4.354  0.500 24.115 0 102 PGE B H52  1 
HETATM 207 O O    . HOH F 4 . ? 7.262   11.042  -3.206 1.000 8.507  0 201 HOH A O    1 
HETATM 208 O O    . HOH F 4 . ? 3.983   10.876  -1.062 1.000 9.831  0 202 HOH A O    1 
HETATM 209 O O    . HOH F 4 . ? -11.679 -8.650  4.257  1.000 8.399  0 203 HOH A O    1 
HETATM 210 O O    . HOH G 4 . ? -8.082  -8.879  5.252  1.000 21.036 0 201 HOH B O    1 
HETATM 211 O O    . HOH G 4 . ? -5.685  -10.095 0.416  1.000 8.655  0 202 HOH B O    1 
# 
loop_
_atom_site_anisotrop.id 
_atom_site_anisotrop.type_symbol 
_atom_site_anisotrop.pdbx_label_atom_id 
_atom_site_anisotrop.pdbx_label_alt_id 
_atom_site_anisotrop.pdbx_label_comp_id 
_atom_site_anisotrop.pdbx_label_asym_id 
_atom_site_anisotrop.pdbx_label_seq_id 
_atom_site_anisotrop.pdbx_PDB_ins_code 
_atom_site_anisotrop.U[1][1] 
_atom_site_anisotrop.U[2][2] 
_atom_site_anisotrop.U[3][3] 
_atom_site_anisotrop.U[1][2] 
_atom_site_anisotrop.U[1][3] 
_atom_site_anisotrop.U[2][3] 
_atom_site_anisotrop.pdbx_auth_seq_id 
_atom_site_anisotrop.pdbx_auth_comp_id 
_atom_site_anisotrop.pdbx_auth_asym_id 
_atom_site_anisotrop.pdbx_auth_atom_id 
1   N N    . SER A 1 ? 0.1150 0.0998 0.0253 -0.0279 0.0047  -0.0218 58  SER A N    
2   C CA   . SER A 1 ? 0.0989 0.1225 0.0226 -0.0314 -0.0149 -0.0036 58  SER A CA   
3   C C    . SER A 1 ? 0.1023 0.1373 0.0405 -0.0373 -0.0151 0.0111  58  SER A C    
4   O O    . SER A 1 ? 0.1253 0.1720 0.0467 -0.0064 -0.0091 0.0150  58  SER A O    
5   C CB   . SER A 1 ? 0.0989 0.1365 0.0596 -0.0222 -0.0219 -0.0279 58  SER A CB   
6   O OG   . SER A 1 ? 0.1161 0.1588 0.0641 -0.0071 -0.0440 -0.0144 58  SER A OG   
7   H H1   . SER A 1 ? 0.1018 0.0979 0.0404 -0.0230 -0.0051 -0.0077 58  SER A H1   
8   H H2   . SER A 1 ? 0.0976 0.1065 0.0399 -0.0191 -0.0073 -0.0096 58  SER A H2   
9   H H3   . SER A 1 ? 0.0992 0.0990 0.0278 -0.0147 -0.0029 -0.0005 58  SER A H3   
10  H HA   . SER A 1 ? 0.0782 0.0963 0.0474 -0.0123 -0.0162 -0.0098 58  SER A HA   
11  H HB2  . SER A 1 ? 0.1022 0.1225 0.0693 -0.0138 -0.0132 -0.0114 58  SER A HB2  
12  H HB3  . SER A 1 ? 0.1067 0.1242 0.0741 -0.0128 -0.0151 -0.0179 58  SER A HB3  
13  N N    . GLY A 2 ? 0.1002 0.1251 0.0267 -0.0319 -0.0160 -0.0037 59  GLY A N    
14  C CA   . GLY A 2 ? 0.1210 0.1326 0.0474 -0.0203 -0.0131 0.0156  59  GLY A CA   
15  C C    . GLY A 2 ? 0.1254 0.0944 0.0202 -0.0283 0.0051  -0.0052 59  GLY A C    
16  O O    . GLY A 2 ? 0.1215 0.0995 0.0330 -0.0377 -0.0041 0.0025  59  GLY A O    
17  H H    . GLY A 2 ? 0.0997 0.1167 0.0465 -0.0217 -0.0115 0.0025  59  GLY A H    
18  H HA2  . GLY A 2 ? 0.1029 0.1081 0.0610 -0.0134 -0.0067 0.0011  59  GLY A HA2  
19  H HA3  . GLY A 2 ? 0.1095 0.1228 0.0688 -0.0182 -0.0029 0.0059  59  GLY A HA3  
20  N N    . MET A 3 ? 0.1152 0.0907 0.0091 -0.0339 -0.0046 -0.0115 60  MET A N    
21  C CA   . MET A 3 ? 0.1152 0.0866 0.0372 -0.0334 -0.0028 -0.0155 60  MET A CA   
22  C C    . MET A 3 ? 0.1021 0.0866 0.0503 -0.0289 -0.0211 -0.0092 60  MET A C    
23  O O    . MET A 3 ? 0.1256 0.1436 0.0399 -0.0426 -0.0348 0.0135  60  MET A O    
24  C CB   . MET A 3 ? 0.1611 0.1203 0.0486 -0.0108 -0.0017 -0.0331 60  MET A CB   
25  C CG   . MET A 3 ? 0.2344 0.1503 0.0803 -0.0346 -0.0487 -0.0432 60  MET A CG   
26  S SD   . MET A 3 ? 0.4846 0.3361 0.1003 0.0943  -0.0139 -0.0994 60  MET A SD   
27  C CE   . MET A 3 ? 0.4681 0.2926 0.1053 0.0776  -0.0559 -0.1192 60  MET A CE   
28  H H    . MET A 3 ? 0.1000 0.0764 0.0445 -0.0142 -0.0025 -0.0053 60  MET A H    
29  H HA   . MET A 3 ? 0.1010 0.0806 0.0524 -0.0111 -0.0082 -0.0088 60  MET A HA   
30  H HB2  . MET A 3 ? 0.1522 0.1171 0.0667 -0.0195 -0.0103 -0.0237 60  MET A HB2  
31  H HB3  . MET A 3 ? 0.1436 0.1192 0.0661 -0.0179 -0.0121 -0.0238 60  MET A HB3  
32  H HG2  . MET A 3 ? 0.2070 0.1556 0.0884 -0.0172 -0.0223 -0.0339 60  MET A HG2  
33  H HG3  . MET A 3 ? 0.2040 0.1566 0.0894 -0.0116 -0.0265 -0.0317 60  MET A HG3  
34  H HE1  . MET A 3 ? 0.3722 0.2782 0.2156 0.0669  -0.0187 -0.0494 60  MET A HE1  
35  H HE2  . MET A 3 ? 0.4010 0.2979 0.1901 0.0381  -0.0531 -0.0611 60  MET A HE2  
36  H HE3  . MET A 3 ? 0.3608 0.2676 0.1806 0.0345  -0.0739 -0.0517 60  MET A HE3  
37  N N    . GLY A 4 ? 0.1028 0.1096 0.0736 -0.0388 -0.0318 0.0050  61  GLY A N    
38  C CA   . GLY A 4 ? 0.1154 0.1026 0.0941 -0.0405 -0.0359 -0.0013 61  GLY A CA   
39  C C    . GLY A 4 ? 0.0964 0.0879 0.0167 -0.0253 0.0007  -0.0219 61  GLY A C    
40  O O    . GLY A 4 ? 0.1243 0.1115 0.0261 -0.0455 -0.0283 -0.0105 61  GLY A O    
41  H H    . GLY A 4 ? 0.0995 0.0943 0.0781 -0.0214 -0.0195 -0.0016 61  GLY A H    
42  H HA2  . GLY A 4 ? 0.1069 0.1018 0.0953 -0.0219 -0.0136 -0.0029 61  GLY A HA2  
43  H HA3  . GLY A 4 ? 0.1168 0.1030 0.0922 -0.0265 -0.0169 -0.0004 61  GLY A HA3  
44  N N    . GLY A 5 ? 0.0994 0.0913 0.0092 -0.0188 0.0001  -0.0165 62  GLY A N    
45  C CA   . GLY A 5 ? 0.0992 0.0881 0.0527 -0.0291 0.0121  -0.0185 62  GLY A CA   
46  C C    . GLY A 5 ? 0.0855 0.0883 0.0122 -0.0201 0.0108  -0.0217 62  GLY A C    
47  O O    . GLY A 5 ? 0.0893 0.0936 0.0210 -0.0226 -0.0030 -0.0327 62  GLY A O    
48  H H    . GLY A 5 ? 0.0840 0.0773 0.0397 -0.0094 -0.0009 -0.0101 62  GLY A H    
49  H HA2  . GLY A 5 ? 0.0918 0.0867 0.0576 -0.0140 0.0038  -0.0065 62  GLY A HA2  
50  H HA3  . GLY A 5 ? 0.0943 0.0854 0.0562 -0.0146 0.0026  -0.0080 62  GLY A HA3  
51  N N    . ILE A 6 ? 0.0781 0.0806 0.0133 -0.0090 0.0044  -0.0227 63  ILE A N    
52  C CA   . ILE A 6 ? 0.0919 0.0775 0.0166 -0.0072 0.0056  -0.0269 63  ILE A CA   
53  C C    . ILE A 6 ? 0.0937 0.0530 0.0153 -0.0261 0.0005  -0.0194 63  ILE A C    
54  O O    . ILE A 6 ? 0.0995 0.0844 0.0121 -0.0154 -0.0021 -0.0196 63  ILE A O    
55  C CB   . ILE A 6 ? 0.0841 0.0812 0.0207 -0.0078 0.0122  -0.0317 63  ILE A CB   
56  C CG1  . ILE A 6 ? 0.0831 0.0803 0.0136 -0.0048 0.0097  -0.0217 63  ILE A CG1  
57  C CG2  . ILE A 6 ? 0.1136 0.0827 0.0368 -0.0202 0.0003  -0.0368 63  ILE A CG2  
58  C CD1  . ILE A 6 ? 0.1192 0.0905 0.0213 -0.0112 0.0064  -0.0349 63  ILE A CD1  
59  H H    . ILE A 6 ? 0.0724 0.0696 0.0270 -0.0041 0.0023  -0.0159 63  ILE A H    
60  H HA   . ILE A 6 ? 0.0757 0.0645 0.0339 -0.0035 0.0026  -0.0156 63  ILE A HA   
61  H HB   . ILE A 6 ? 0.0799 0.0692 0.0389 -0.0011 0.0056  -0.0164 63  ILE A HB   
62  H HG12 . ILE A 6 ? 0.0795 0.0695 0.0320 0.0001  0.0029  -0.0147 63  ILE A HG12 
63  H HG13 . ILE A 6 ? 0.0808 0.0742 0.0300 -0.0072 0.0032  -0.0155 63  ILE A HG13 
64  H HG21 . ILE A 6 ? 0.1010 0.0768 0.0503 -0.0123 -0.0024 -0.0210 63  ILE A HG21 
65  H HG22 . ILE A 6 ? 0.1009 0.0697 0.0563 -0.0064 0.0014  -0.0256 63  ILE A HG22 
66  H HG23 . ILE A 6 ? 0.0992 0.0725 0.0583 -0.0058 -0.0006 -0.0202 63  ILE A HG23 
67  H HD11 . ILE A 6 ? 0.1049 0.0777 0.0464 -0.0037 0.0038  -0.0178 63  ILE A HD11 
68  H HD12 . ILE A 6 ? 0.1050 0.0811 0.0390 -0.0110 -0.0005 -0.0185 63  ILE A HD12 
69  H HD13 . ILE A 6 ? 0.1014 0.0876 0.0400 -0.0091 -0.0002 -0.0183 63  ILE A HD13 
70  N N    . THR A 7 ? 0.0907 0.0908 0.0115 -0.0145 0.0137  -0.0162 64  THR A N    
71  C CA   . THR A 7 ? 0.0873 0.0932 0.0085 -0.0104 0.0083  -0.0104 64  THR A CA   
72  C C    . THR A 7 ? 0.1264 0.1024 0.0102 -0.0324 0.0201  -0.0123 64  THR A C    
73  O O    . THR A 7 ? 0.1375 0.1361 0.0454 -0.0440 0.0424  -0.0614 64  THR A O    
74  C CB   . THR A 7 ? 0.0841 0.0879 0.0190 -0.0001 0.0123  -0.0281 64  THR A CB   
75  O OG1  . THR A 7 ? 0.1211 0.0905 0.0104 -0.0027 0.0114  -0.0159 64  THR A OG1  
76  C CG2  . THR A 7 ? 0.0929 0.0897 0.0445 -0.0081 0.0073  -0.0199 64  THR A CG2  
77  O OXT  . THR A 7 ? 0.1202 0.1310 0.0238 -0.0373 0.0065  -0.0089 64  THR A OXT  
78  H H    . THR A 7 ? 0.0857 0.0698 0.0355 -0.0060 0.0078  -0.0091 64  THR A H    
79  H HA   . THR A 7 ? 0.0785 0.0793 0.0262 -0.0049 0.0056  -0.0086 64  THR A HA   
80  H HB   . THR A 7 ? 0.0820 0.0788 0.0313 -0.0081 0.0066  -0.0134 64  THR A HB   
81  H HG21 . THR A 7 ? 0.0882 0.0845 0.0533 -0.0037 0.0056  -0.0151 64  THR A HG21 
82  H HG22 . THR A 7 ? 0.0897 0.0907 0.0455 -0.0067 0.0054  -0.0082 64  THR A HG22 
83  H HG23 . THR A 7 ? 0.0884 0.0843 0.0483 -0.0076 0.0039  -0.0131 64  THR A HG23 
84  N N    . SER B 1 ? 0.1243 0.1197 0.0270 -0.0283 -0.0058 -0.0160 58  SER B N    
85  C CA   . SER B 1 ? 0.1264 0.0901 0.0395 -0.0393 0.0082  -0.0307 58  SER B CA   
86  C C    . SER B 1 ? 0.1209 0.0978 0.0193 -0.0419 -0.0026 -0.0308 58  SER B C    
87  O O    . SER B 1 ? 0.1255 0.1159 0.0266 -0.0190 0.0108  -0.0253 58  SER B O    
88  C CB   . SER B 1 ? 0.1362 0.1214 0.0434 -0.0618 0.0043  -0.0260 58  SER B CB   
89  O OG   . SER B 1 ? 0.1561 0.1304 0.0545 -0.0362 -0.0357 -0.0404 58  SER B OG   
90  H H1   . SER B 1 ? 0.1148 0.1046 0.0556 -0.0216 -0.0022 -0.0091 58  SER B H1   
91  H H2   . SER B 1 ? 0.1168 0.0990 0.0512 -0.0187 -0.0035 -0.0084 58  SER B H2   
92  H H3   . SER B 1 ? 0.1099 0.1017 0.0634 -0.0165 0.0024  -0.0090 58  SER B H3   
93  H HA   . SER B 1 ? 0.1096 0.0893 0.0611 -0.0218 0.0006  -0.0159 58  SER B HA   
94  H HB2  . SER B 1 ? 0.1304 0.1099 0.0537 -0.0334 -0.0022 -0.0129 58  SER B HB2  
95  H HB3  . SER B 1 ? 0.1266 0.1069 0.0605 -0.0290 -0.0079 -0.0179 58  SER B HB3  
96  N N    . GLY B 2 ? 0.0976 0.0948 0.0486 -0.0320 -0.0197 -0.0087 59  GLY B N    
97  C CA   . GLY B 2 ? 0.1008 0.0916 0.0406 -0.0256 -0.0068 -0.0085 59  GLY B CA   
98  C C    . GLY B 2 ? 0.0848 0.0851 0.0151 -0.0179 0.0048  -0.0262 59  GLY B C    
99  O O    . GLY B 2 ? 0.0986 0.1265 0.0309 -0.0241 -0.0038 0.0087  59  GLY B O    
100 H H    . GLY B 2 ? 0.0932 0.0923 0.0485 -0.0215 -0.0140 -0.0099 59  GLY B H    
101 H HA2  . GLY B 2 ? 0.0868 0.0887 0.0595 -0.0142 -0.0044 -0.0054 59  GLY B HA2  
102 H HA3  . GLY B 2 ? 0.0803 0.0811 0.0515 -0.0112 -0.0078 -0.0086 59  GLY B HA3  
103 N N    . MET B 3 ? 0.0896 0.0956 0.0138 -0.0254 0.0012  -0.0223 60  MET B N    
104 C CA   . MET B 3 ? 0.0934 0.0752 0.0214 -0.0239 -0.0018 -0.0302 60  MET B CA   
105 C C    . MET B 3 ? 0.0803 0.0728 0.0219 -0.0163 0.0019  -0.0317 60  MET B C    
106 O O    . MET B 3 ? 0.1016 0.0875 0.0279 -0.0261 -0.0194 -0.0305 60  MET B O    
107 C CB   . MET B 3 ? 0.1016 0.0827 0.0387 -0.0236 0.0077  -0.0496 60  MET B CB   
108 C CG   . MET B 3 ? 0.1147 0.1056 0.0367 -0.0065 0.0068  -0.0553 60  MET B CG   
109 S SD   . MET B 3 ? 0.1457 0.1688 0.0445 -0.0187 0.0265  -0.0754 60  MET B SD   
110 C CE   . MET B 3 ? 0.1304 0.1117 0.0189 -0.0055 0.0253  -0.0208 60  MET B CE   
111 H H    . MET B 3 ? 0.0810 0.0758 0.0403 -0.0104 0.0003  -0.0171 60  MET B H    
112 H HA   . MET B 3 ? 0.0826 0.0734 0.0310 -0.0155 -0.0070 -0.0177 60  MET B HA   
113 H HB2  . MET B 3 ? 0.0964 0.0811 0.0485 -0.0165 -0.0028 -0.0298 60  MET B HB2  
114 H HB3  . MET B 3 ? 0.0907 0.0786 0.0478 -0.0170 -0.0024 -0.0258 60  MET B HB3  
115 H HG2  . MET B 3 ? 0.1095 0.1004 0.0581 -0.0138 0.0013  -0.0363 60  MET B HG2  
116 H HG3  . MET B 3 ? 0.1075 0.0976 0.0569 -0.0127 0.0039  -0.0309 60  MET B HG3  
117 H HE1  . MET B 3 ? 0.1274 0.1069 0.0367 -0.0050 0.0140  -0.0185 60  MET B HE1  
118 H HE2  . MET B 3 ? 0.1221 0.1021 0.0438 -0.0032 0.0032  -0.0121 60  MET B HE2  
119 H HE3  . MET B 3 ? 0.1186 0.1012 0.0422 -0.0107 0.0078  -0.0114 60  MET B HE3  
120 N N    . GLY B 4 ? 0.1081 0.0841 0.0137 -0.0195 -0.0181 -0.0142 61  GLY B N    
121 C CA   . GLY B 4 ? 0.1122 0.0921 0.0237 -0.0299 -0.0199 -0.0112 61  GLY B CA   
122 C C    . GLY B 4 ? 0.1204 0.0761 0.0225 -0.0332 -0.0082 -0.0278 61  GLY B C    
123 O O    . GLY B 4 ? 0.1266 0.0990 0.0464 -0.0278 -0.0275 -0.0227 61  GLY B O    
124 H H    . GLY B 4 ? 0.0864 0.0687 0.0329 -0.0075 -0.0116 -0.0122 61  GLY B H    
125 H HA2  . GLY B 4 ? 0.1026 0.0802 0.0392 -0.0170 -0.0129 -0.0093 61  GLY B HA2  
126 H HA3  . GLY B 4 ? 0.1023 0.0882 0.0345 -0.0195 -0.0092 -0.0017 61  GLY B HA3  
127 N N    . GLY B 5 ? 0.1214 0.1057 0.0289 -0.0444 -0.0272 -0.0143 62  GLY B N    
128 C CA   . GLY B 5 ? 0.1748 0.1121 0.0631 -0.0626 -0.0429 -0.0029 62  GLY B CA   
129 C C    . GLY B 5 ? 0.1364 0.0948 0.0337 -0.0393 -0.0184 -0.0109 62  GLY B C    
130 O O    . GLY B 5 ? 0.1240 0.0883 0.0277 -0.0489 -0.0148 -0.0123 62  GLY B O    
131 H H    . GLY B 5 ? 0.1089 0.0824 0.0548 -0.0195 -0.0184 -0.0107 62  GLY B H    
132 H HA2  . GLY B 5 ? 0.1546 0.1087 0.0706 -0.0399 -0.0225 -0.0040 62  GLY B HA2  
133 H HA3  . GLY B 5 ? 0.1446 0.1153 0.0801 -0.0367 -0.0250 0.0038  62  GLY B HA3  
134 N N    . ILE B 6 ? 0.1317 0.1014 0.0138 -0.0467 -0.0237 -0.0065 63  ILE B N    
135 C CA   . ILE B 6 ? 0.1180 0.0958 0.0153 -0.0390 -0.0072 -0.0228 63  ILE B CA   
136 C C    . ILE B 6 ? 0.1311 0.0826 0.0193 -0.0368 -0.0072 -0.0094 63  ILE B C    
137 O O    . ILE B 6 ? 0.0945 0.1338 0.0267 -0.0336 0.0029  0.0025  63  ILE B O    
138 C CB   . ILE B 6 ? 0.1452 0.0811 0.0197 -0.0290 -0.0172 -0.0250 63  ILE B CB   
139 C CG1  . ILE B 6 ? 0.1536 0.1184 0.0259 -0.0293 -0.0090 -0.0145 63  ILE B CG1  
140 C CG2  . ILE B 6 ? 0.1801 0.0665 0.0535 -0.0363 -0.0422 -0.0198 63  ILE B CG2  
141 C CD1  . ILE B 6 ? 0.1734 0.1626 0.0400 0.0090  -0.0003 -0.0129 63  ILE B CD1  
142 H H    . ILE B 6 ? 0.0970 0.0754 0.0346 -0.0139 -0.0185 -0.0075 63  ILE B H    
143 H HA   . ILE B 6 ? 0.1139 0.0813 0.0337 -0.0237 -0.0081 -0.0132 63  ILE B HA   
144 H HB   . ILE B 6 ? 0.1241 0.0808 0.0461 -0.0179 -0.0139 -0.0168 63  ILE B HB   
145 H HG12 . ILE B 6 ? 0.1354 0.1097 0.0579 -0.0129 -0.0080 -0.0136 63  ILE B HG12 
146 H HG13 . ILE B 6 ? 0.1348 0.1100 0.0533 -0.0198 -0.0086 -0.0098 63  ILE B HG13 
147 H HG21 . ILE B 6 ? 0.1475 0.0908 0.0727 -0.0191 -0.0222 -0.0134 63  ILE B HG21 
148 H HG22 . ILE B 6 ? 0.1488 0.0827 0.0825 -0.0202 -0.0211 -0.0102 63  ILE B HG22 
149 H HG23 . ILE B 6 ? 0.1483 0.0771 0.0706 -0.0196 -0.0221 -0.0150 63  ILE B HG23 
150 H HD11 . ILE B 6 ? 0.1603 0.1384 0.0704 -0.0020 -0.0050 -0.0076 63  ILE B HD11 
151 H HD12 . ILE B 6 ? 0.1598 0.1380 0.0721 -0.0078 -0.0073 -0.0073 63  ILE B HD12 
152 H HD13 . ILE B 6 ? 0.1667 0.1428 0.0775 -0.0009 -0.0006 -0.0017 63  ILE B HD13 
153 N N    . THR B 7 ? 0.1265 0.1097 0.0108 -0.0170 0.0048  -0.0208 64  THR B N    
154 C CA   . THR B 7 ? 0.1317 0.0892 0.0241 -0.0314 -0.0020 -0.0128 64  THR B CA   
155 C C    . THR B 7 ? 0.1512 0.0852 0.0446 -0.0338 -0.0241 -0.0096 64  THR B C    
156 O O    . THR B 7 ? 0.1209 0.1368 0.0564 -0.0469 -0.0319 0.0034  64  THR B O    
157 C CB   . THR B 7 ? 0.1481 0.1009 0.0280 -0.0396 -0.0033 -0.0269 64  THR B CB   
158 O OG1  . THR B 7 ? 0.1626 0.1422 0.0282 -0.0364 0.0150  -0.0251 64  THR B OG1  
159 C CG2  . THR B 7 ? 0.1792 0.1085 0.0283 -0.0252 -0.0108 -0.0169 64  THR B CG2  
160 O OXT  . THR B 7 ? 0.1765 0.1077 0.0458 -0.0587 0.0012  -0.0200 64  THR B OXT  
161 H H    . THR B 7 ? 0.1098 0.0830 0.0482 -0.0084 -0.0007 -0.0090 64  THR B H    
162 H HA   . THR B 7 ? 0.1190 0.0922 0.0398 -0.0207 -0.0089 -0.0107 64  THR B HA   
163 H HB   . THR B 7 ? 0.1303 0.1022 0.0465 -0.0283 -0.0041 -0.0149 64  THR B HB   
164 H HG21 . THR B 7 ? 0.1462 0.1052 0.0576 -0.0213 -0.0030 -0.0063 64  THR B HG21 
165 H HG22 . THR B 7 ? 0.1532 0.0916 0.0712 -0.0157 -0.0038 -0.0141 64  THR B HG22 
166 H HG23 . THR B 7 ? 0.1556 0.1086 0.0588 -0.0197 -0.0046 -0.0089 64  THR B HG23 
167 C C1   . EOH C . ? 0.1908 0.1301 0.0671 -0.0406 -0.0438 0.0003  101 EOH A C1   
168 C C2   . EOH C . ? 0.2388 0.1126 0.0626 -0.0410 -0.0155 -0.0250 101 EOH A C2   
169 O O    . EOH C . ? 0.1515 0.1390 0.0356 -0.0393 -0.0153 -0.0267 101 EOH A O    
170 H H11  . EOH C . ? 0.1777 0.1248 0.1035 -0.0281 -0.0217 -0.0035 101 EOH A H11  
171 H H12  . EOH C . ? 0.1601 0.1214 0.0885 -0.0202 -0.0248 -0.0075 101 EOH A H12  
172 H H21  . EOH C . ? 0.1944 0.1171 0.0925 -0.0300 -0.0128 -0.0039 101 EOH A H21  
173 H H22  . EOH C . ? 0.1969 0.1173 0.1058 -0.0184 -0.0099 -0.0067 101 EOH A H22  
174 H H23  . EOH C . ? 0.1948 0.1165 0.1096 -0.0211 -0.0140 -0.0045 101 EOH A H23  
175 H HO   . EOH C . ? 0.1370 0.1210 0.0369 -0.0194 -0.0154 0.0017  101 EOH A HO   
176 C C1   . EOH D . ? 0.1894 0.2364 0.0832 -0.0286 -0.0478 0.0269  101 EOH B C1   
177 C C2   . EOH D . ? 0.1425 0.2145 0.1310 -0.0078 -0.0552 0.0403  101 EOH B C2   
178 O O    . EOH D . ? 0.1904 0.2385 0.0641 -0.0300 -0.0239 -0.0067 101 EOH B O    
179 H H11  . EOH D . ? 0.1602 0.1879 0.0879 0.0029  -0.0271 0.0105  101 EOH B H11  
180 H H12  . EOH D . ? 0.1773 0.2156 0.1211 -0.0169 -0.0196 0.0099  101 EOH B H12  
181 H H21  . EOH D . ? 0.1596 0.1981 0.1313 -0.0091 -0.0325 0.0215  101 EOH B H21  
182 H H22  . EOH D . ? 0.1620 0.1944 0.1416 -0.0059 -0.0228 0.0147  101 EOH B H22  
183 H H23  . EOH D . ? 0.1530 0.1861 0.1189 0.0014  -0.0265 0.0136  101 EOH B H23  
184 H HO   . EOH D . ? 0.1763 0.2044 0.1062 -0.0096 -0.0077 0.0016  101 EOH B HO   
185 C C1   A PGE E . ? 0.2914 0.4110 0.3746 -0.0413 0.0186  -0.0688 102 PGE B C1   
186 O O1   A PGE E . ? 0.2897 0.4829 0.3593 -0.0653 0.0306  -0.0373 102 PGE B O1   
187 C C2   A PGE E . ? 0.2721 0.4524 0.3525 0.0092  0.0063  -0.1570 102 PGE B C2   
188 O O2   . PGE E . ? 0.3763 0.4672 0.3315 0.0168  0.1341  -0.0976 102 PGE B O2   
189 C C3   . PGE E . ? 0.3592 0.4128 0.2730 -0.0258 0.1457  -0.1204 102 PGE B C3   
190 C C4   . PGE E . ? 0.3781 0.4242 0.1867 -0.0145 0.1872  -0.0407 102 PGE B C4   
191 O O4   B PGE E . ? 0.1904 0.4526 0.2760 -0.0789 0.1161  -0.1308 102 PGE B O4   
192 C C6   B PGE E . ? 0.2117 0.3798 0.2875 -0.0840 0.0852  -0.0328 102 PGE B C6   
193 C C5   B PGE E . ? 0.2955 0.3451 0.2644 -0.0562 0.1728  -0.0498 102 PGE B C5   
194 O O3   . PGE E . ? 0.3240 0.3990 0.2770 -0.0078 0.1543  -0.0645 102 PGE B O3   
196 H H12  . PGE E . ? 0.3013 0.4091 0.3716 -0.0337 0.0184  -0.0633 102 PGE B H12  
197 H H2   . PGE E . ? 0.3258 0.4054 0.3619 -0.0160 0.0408  -0.0748 102 PGE B H2   
198 H H22  . PGE E . ? 0.3376 0.3889 0.3715 -0.0124 0.0297  -0.0810 102 PGE B H22  
199 H H3   . PGE E . ? 0.3520 0.3758 0.2902 -0.0282 0.1027  -0.0582 102 PGE B H3   
200 H H32  . PGE E . ? 0.3464 0.3422 0.2954 -0.0021 0.0894  -0.0516 102 PGE B H32  
201 H H4   . PGE E . ? 0.3289 0.3763 0.2578 -0.0313 0.1311  -0.0390 102 PGE B H4   
202 H H42  . PGE E . ? 0.3552 0.3590 0.2859 0.0031  0.1204  -0.0415 102 PGE B H42  
203 H H6   . PGE E . ? 0.2275 0.3642 0.2853 -0.0506 0.0922  -0.0532 102 PGE B H6   
204 H H62  . PGE E . ? 0.2591 0.3683 0.3156 -0.0655 0.0699  -0.0398 102 PGE B H62  
205 H H5   . PGE E . ? 0.2380 0.3273 0.2717 -0.0382 0.1201  -0.0470 102 PGE B H5   
206 H H52  . PGE E . ? 0.2989 0.3147 0.3024 -0.0474 0.0917  -0.0432 102 PGE B H52  
207 O O    . HOH F . ? 0.1298 0.1614 0.0317 -0.0082 0.0166  -0.0327 201 HOH A O    
208 O O    . HOH F . ? 0.2163 0.1314 0.0263 -0.0448 0.0332  -0.0477 202 HOH A O    
209 O O    . HOH F . ? 0.1481 0.1229 0.0480 -0.0237 -0.0141 -0.0238 203 HOH A O    
210 O O    . HOH G . ? 0.2361 0.1165 0.4463 -0.0470 0.1083  0.0110  201 HOH B O    
211 O O    . HOH G . ? 0.1092 0.1962 0.0237 -0.0310 0.0003  -0.0156 202 HOH B O    
# 
